data_6A2V
#
_entry.id   6A2V
#
_cell.length_a   92.369
_cell.length_b   91.920
_cell.length_c   165.736
_cell.angle_alpha   90.00
_cell.angle_beta   90.00
_cell.angle_gamma   90.00
#
_symmetry.space_group_name_H-M   'P 21 21 21'
#
loop_
_entity.id
_entity.type
_entity.pdbx_description
1 polymer 'Type VI secretion system tube protein Hcp'
2 water water
#
_entity_poly.entity_id   1
_entity_poly.type   'polypeptide(L)'
_entity_poly.pdbx_seq_one_letter_code
;(MSE)AEPAFIKIEGSTQGLISSGASTEASIGNRYKSGHEDEI(MSE)AQEVSHIVTVPVDQQSGQPSGQRVHKPFSFTC
SLNKSVPLLYNALTKGERLPTVEVHWFRTATSGGSEHFFTTKLEDAIITNIELI(MSE)PNAQESSNHDKTELLKVS
(MSE)SYRKVVWEHTAAGTSGSDDWREGKA
;
_entity_poly.pdbx_strand_id   A,B,C,D,E,F
#
# COMPACT_ATOMS: atom_id res chain seq x y z
N ALA A 2 -1.14 -17.32 -24.00
CA ALA A 2 -0.68 -15.94 -23.77
C ALA A 2 0.75 -15.90 -23.25
N GLU A 3 0.90 -15.47 -21.98
CA GLU A 3 2.20 -15.35 -21.34
C GLU A 3 2.42 -16.06 -20.02
N PRO A 4 1.82 -17.23 -19.74
CA PRO A 4 2.30 -18.03 -18.61
C PRO A 4 3.53 -18.82 -19.01
N ALA A 5 4.31 -19.20 -18.01
CA ALA A 5 5.44 -20.08 -18.21
C ALA A 5 5.08 -21.49 -17.78
N PHE A 6 5.86 -22.46 -18.27
CA PHE A 6 5.60 -23.87 -18.01
C PHE A 6 6.86 -24.51 -17.45
N ILE A 7 6.70 -25.24 -16.37
CA ILE A 7 7.83 -25.71 -15.59
C ILE A 7 7.75 -27.23 -15.48
N LYS A 8 8.83 -27.90 -15.88
CA LYS A 8 8.98 -29.34 -15.71
C LYS A 8 9.86 -29.61 -14.50
N ILE A 9 9.35 -30.41 -13.57
CA ILE A 9 10.04 -30.68 -12.32
C ILE A 9 10.26 -32.18 -12.21
N GLU A 10 11.50 -32.58 -11.99
CA GLU A 10 11.86 -33.97 -11.74
C GLU A 10 12.45 -34.06 -10.35
N GLY A 11 11.96 -35.01 -9.56
CA GLY A 11 12.44 -35.21 -8.20
C GLY A 11 13.21 -36.50 -8.02
N SER A 12 14.15 -36.50 -7.08
CA SER A 12 14.99 -37.67 -6.83
C SER A 12 14.25 -38.79 -6.12
N THR A 13 13.06 -38.52 -5.62
CA THR A 13 12.27 -39.55 -4.99
C THR A 13 10.95 -39.78 -5.71
N GLN A 14 10.33 -38.73 -6.22
CA GLN A 14 8.99 -38.84 -6.78
C GLN A 14 8.98 -38.84 -8.31
N GLY A 15 10.14 -38.84 -8.96
CA GLY A 15 10.13 -38.89 -10.41
C GLY A 15 9.56 -37.61 -10.98
N LEU A 16 8.79 -37.74 -12.06
CA LEU A 16 8.21 -36.62 -12.75
C LEU A 16 7.06 -35.95 -11.97
N ILE A 17 7.40 -35.02 -11.07
CA ILE A 17 6.41 -34.38 -10.21
C ILE A 17 5.39 -33.60 -11.04
N SER A 18 5.82 -32.98 -12.12
CA SER A 18 4.92 -32.19 -12.94
C SER A 18 4.08 -33.05 -13.89
N SER A 19 4.14 -34.37 -13.75
CA SER A 19 3.42 -35.25 -14.66
C SER A 19 1.92 -34.92 -14.69
N GLY A 20 1.42 -34.68 -15.89
CA GLY A 20 0.00 -34.40 -16.04
C GLY A 20 -0.50 -33.14 -15.37
N ALA A 21 0.40 -32.23 -14.97
CA ALA A 21 -0.02 -31.06 -14.21
C ALA A 21 -0.94 -30.16 -15.02
N SER A 22 -0.79 -30.11 -16.34
CA SER A 22 -1.62 -29.23 -17.15
C SER A 22 -2.63 -30.00 -18.00
N THR A 23 -3.29 -30.98 -17.41
CA THR A 23 -4.32 -31.73 -18.10
C THR A 23 -5.67 -31.31 -17.55
N GLU A 24 -6.74 -31.76 -18.24
CA GLU A 24 -8.08 -31.31 -17.87
C GLU A 24 -8.43 -31.72 -16.45
N ALA A 25 -8.13 -32.97 -16.08
CA ALA A 25 -8.37 -33.41 -14.71
C ALA A 25 -7.58 -32.57 -13.70
N SER A 26 -6.45 -31.98 -14.11
CA SER A 26 -5.60 -31.29 -13.16
C SER A 26 -6.06 -29.86 -12.94
N ILE A 27 -6.33 -29.13 -14.02
CA ILE A 27 -6.61 -27.71 -13.91
C ILE A 27 -7.93 -27.33 -14.56
N GLY A 28 -8.62 -28.26 -15.22
CA GLY A 28 -9.98 -27.95 -15.61
C GLY A 28 -10.06 -27.18 -16.91
N ASN A 29 -10.90 -26.15 -16.92
CA ASN A 29 -11.09 -25.34 -18.12
C ASN A 29 -9.80 -24.65 -18.55
N ARG A 30 -8.84 -24.50 -17.65
CA ARG A 30 -7.57 -23.86 -17.98
C ARG A 30 -6.55 -24.84 -18.57
N TYR A 31 -6.95 -26.07 -18.86
CA TYR A 31 -5.98 -27.04 -19.37
C TYR A 31 -5.41 -26.56 -20.70
N LYS A 32 -4.10 -26.70 -20.85
CA LYS A 32 -3.40 -26.28 -22.05
C LYS A 32 -2.82 -27.52 -22.70
N SER A 33 -3.38 -27.90 -23.84
CA SER A 33 -2.89 -29.06 -24.57
C SER A 33 -1.55 -28.72 -25.18
N GLY A 34 -0.52 -29.44 -24.75
CA GLY A 34 0.81 -29.21 -25.26
C GLY A 34 1.82 -29.36 -24.15
N HIS A 35 1.49 -28.80 -22.99
CA HIS A 35 2.36 -28.82 -21.83
C HIS A 35 1.82 -29.74 -20.73
N GLU A 36 1.33 -30.92 -21.12
CA GLU A 36 0.64 -31.78 -20.16
C GLU A 36 1.52 -32.11 -18.96
N ASP A 37 2.81 -32.32 -19.18
CA ASP A 37 3.71 -32.70 -18.11
C ASP A 37 4.49 -31.51 -17.56
N GLU A 38 3.89 -30.32 -17.59
CA GLU A 38 4.50 -29.11 -17.06
C GLU A 38 3.49 -28.34 -16.21
N ILE A 39 3.99 -27.76 -15.14
CA ILE A 39 3.19 -26.90 -14.29
C ILE A 39 3.01 -25.54 -14.97
N ALA A 41 2.69 -21.76 -14.70
CA ALA A 41 3.11 -20.75 -13.74
C ALA A 41 2.59 -19.40 -14.17
N GLN A 42 1.80 -18.76 -13.31
CA GLN A 42 1.24 -17.45 -13.62
C GLN A 42 2.16 -16.30 -13.25
N GLU A 43 3.06 -16.53 -12.30
CA GLU A 43 4.06 -15.55 -11.89
C GLU A 43 5.38 -16.26 -11.68
N VAL A 44 6.48 -15.50 -11.75
CA VAL A 44 7.82 -16.00 -11.44
C VAL A 44 8.61 -14.85 -10.82
N SER A 45 9.48 -15.16 -9.85
CA SER A 45 10.38 -14.12 -9.35
C SER A 45 11.71 -14.74 -8.94
N HIS A 46 12.79 -13.95 -9.12
CA HIS A 46 14.13 -14.42 -8.81
C HIS A 46 15.10 -13.23 -8.73
N ILE A 47 15.98 -13.26 -7.73
CA ILE A 47 16.93 -12.19 -7.46
C ILE A 47 18.33 -12.78 -7.29
N VAL A 48 19.31 -12.14 -7.91
CA VAL A 48 20.73 -12.41 -7.68
C VAL A 48 21.42 -11.09 -7.46
N THR A 49 22.32 -11.05 -6.47
CA THR A 49 22.86 -9.79 -5.97
C THR A 49 24.33 -9.92 -5.58
N VAL A 50 25.05 -8.80 -5.64
CA VAL A 50 26.43 -8.70 -5.18
C VAL A 50 26.52 -7.67 -4.06
N PRO A 51 27.00 -8.05 -2.88
CA PRO A 51 27.18 -7.07 -1.79
C PRO A 51 27.95 -5.83 -2.21
N VAL A 52 27.61 -4.68 -1.62
CA VAL A 52 28.34 -3.44 -1.80
C VAL A 52 28.98 -2.96 -0.50
N ASP A 53 28.28 -3.15 0.64
CA ASP A 53 28.76 -3.24 2.02
C ASP A 53 29.11 -1.90 2.70
N GLN A 54 29.09 -0.76 2.00
CA GLN A 54 29.47 0.49 2.64
C GLN A 54 29.05 1.65 1.74
N GLN A 55 29.38 2.86 2.19
CA GLN A 55 29.57 3.95 1.24
C GLN A 55 30.81 3.75 0.37
N SER A 56 31.58 2.69 0.66
CA SER A 56 32.63 2.23 -0.21
C SER A 56 32.13 2.22 -1.65
N GLY A 57 31.09 1.39 -1.96
CA GLY A 57 30.25 1.51 -3.15
C GLY A 57 30.40 0.44 -4.21
N GLN A 58 31.42 -0.39 -4.17
CA GLN A 58 31.71 -1.43 -5.15
C GLN A 58 31.53 -2.81 -4.53
N PRO A 59 31.57 -3.89 -5.34
CA PRO A 59 31.44 -5.24 -4.76
C PRO A 59 32.42 -5.48 -3.62
N SER A 60 31.93 -6.12 -2.56
CA SER A 60 32.77 -6.39 -1.41
C SER A 60 32.76 -7.83 -0.91
N GLY A 61 31.86 -8.68 -1.38
CA GLY A 61 31.86 -10.06 -0.92
C GLY A 61 31.38 -11.05 -1.96
N GLN A 62 31.24 -12.32 -1.57
CA GLN A 62 30.67 -13.31 -2.47
C GLN A 62 29.27 -12.89 -2.93
N ARG A 63 28.99 -13.09 -4.20
CA ARG A 63 27.64 -12.94 -4.70
C ARG A 63 26.70 -13.88 -3.96
N VAL A 64 25.42 -13.51 -3.87
CA VAL A 64 24.45 -14.37 -3.20
C VAL A 64 23.26 -14.58 -4.13
N HIS A 65 22.99 -15.85 -4.42
CA HIS A 65 21.77 -16.21 -5.11
C HIS A 65 20.63 -16.25 -4.10
N LYS A 66 19.46 -15.81 -4.53
CA LYS A 66 18.25 -15.85 -3.74
C LYS A 66 17.30 -16.88 -4.34
N PRO A 67 16.31 -17.35 -3.57
CA PRO A 67 15.45 -18.43 -4.08
C PRO A 67 14.66 -18.01 -5.31
N PHE A 68 14.51 -18.97 -6.21
CA PHE A 68 13.67 -18.86 -7.39
C PHE A 68 12.26 -19.30 -7.03
N SER A 69 11.27 -18.54 -7.46
CA SER A 69 9.92 -18.88 -7.09
C SER A 69 9.02 -18.77 -8.31
N PHE A 70 7.99 -19.62 -8.32
CA PHE A 70 6.93 -19.55 -9.30
C PHE A 70 5.60 -19.72 -8.56
N THR A 71 4.55 -19.20 -9.19
CA THR A 71 3.22 -19.24 -8.61
C THR A 71 2.31 -20.02 -9.54
N CYS A 72 1.57 -20.98 -8.99
CA CYS A 72 0.63 -21.73 -9.81
C CYS A 72 -0.70 -21.83 -9.10
N SER A 73 -1.62 -22.61 -9.65
CA SER A 73 -2.90 -22.90 -9.02
C SER A 73 -2.84 -24.30 -8.44
N LEU A 74 -3.95 -24.74 -7.85
CA LEU A 74 -4.00 -26.06 -7.23
C LEU A 74 -4.09 -27.10 -8.33
N ASN A 75 -2.96 -27.66 -8.73
CA ASN A 75 -2.91 -28.65 -9.79
C ASN A 75 -2.49 -30.00 -9.22
N LYS A 76 -2.42 -31.00 -10.10
CA LYS A 76 -2.20 -32.38 -9.67
C LYS A 76 -0.88 -32.57 -8.92
N SER A 77 0.12 -31.73 -9.17
CA SER A 77 1.44 -31.89 -8.55
C SER A 77 1.54 -31.27 -7.16
N VAL A 78 0.62 -30.38 -6.81
CA VAL A 78 0.75 -29.66 -5.54
C VAL A 78 0.90 -30.59 -4.34
N PRO A 79 0.12 -31.67 -4.18
CA PRO A 79 0.39 -32.58 -3.06
C PRO A 79 1.78 -33.16 -3.13
N LEU A 80 2.26 -33.42 -4.34
CA LEU A 80 3.61 -33.93 -4.52
C LEU A 80 4.66 -32.89 -4.09
N LEU A 81 4.38 -31.61 -4.38
CA LEU A 81 5.30 -30.55 -4.03
C LEU A 81 5.44 -30.42 -2.52
N TYR A 82 4.30 -30.53 -1.80
CA TYR A 82 4.34 -30.53 -0.34
C TYR A 82 5.18 -31.69 0.17
N ASN A 83 5.07 -32.86 -0.48
CA ASN A 83 5.92 -33.98 -0.12
C ASN A 83 7.39 -33.62 -0.27
N ALA A 84 7.73 -32.95 -1.37
CA ALA A 84 9.11 -32.55 -1.60
C ALA A 84 9.58 -31.56 -0.54
N LEU A 85 8.78 -30.53 -0.27
CA LEU A 85 9.10 -29.55 0.76
C LEU A 85 9.36 -30.24 2.09
N THR A 86 8.41 -31.05 2.56
CA THR A 86 8.53 -31.69 3.86
C THR A 86 9.63 -32.73 3.97
N LYS A 87 9.98 -33.41 2.90
CA LYS A 87 11.01 -34.42 3.01
C LYS A 87 12.35 -33.90 2.57
N GLY A 88 12.42 -32.66 2.11
CA GLY A 88 13.69 -32.15 1.65
C GLY A 88 14.15 -32.84 0.40
N GLU A 89 13.20 -33.25 -0.45
CA GLU A 89 13.56 -33.98 -1.66
C GLU A 89 14.35 -33.08 -2.60
N ARG A 90 15.51 -33.58 -3.02
CA ARG A 90 16.31 -32.82 -3.97
C ARG A 90 15.74 -32.99 -5.37
N LEU A 91 15.65 -31.88 -6.09
CA LEU A 91 15.05 -31.88 -7.42
C LEU A 91 16.18 -31.72 -8.43
N PRO A 92 16.61 -32.78 -9.11
CA PRO A 92 17.76 -32.66 -10.02
C PRO A 92 17.58 -31.68 -11.15
N THR A 93 16.38 -31.53 -11.71
CA THR A 93 16.17 -30.55 -12.78
C THR A 93 14.83 -29.84 -12.58
N VAL A 94 14.88 -28.52 -12.72
CA VAL A 94 13.72 -27.65 -12.88
C VAL A 94 13.93 -26.84 -14.14
N GLU A 95 12.98 -26.92 -15.07
CA GLU A 95 13.17 -26.24 -16.34
C GLU A 95 11.97 -25.36 -16.60
N VAL A 96 12.22 -24.07 -16.75
CA VAL A 96 11.21 -23.07 -17.00
C VAL A 96 11.26 -22.70 -18.47
N HIS A 97 10.11 -22.74 -19.14
CA HIS A 97 9.98 -22.29 -20.51
C HIS A 97 9.08 -21.07 -20.53
N TRP A 98 9.62 -19.96 -21.04
CA TRP A 98 8.93 -18.68 -21.12
C TRP A 98 8.32 -18.49 -22.51
N PHE A 99 7.16 -17.84 -22.58
CA PHE A 99 6.43 -17.70 -23.84
C PHE A 99 6.00 -16.26 -24.10
N ARG A 100 5.89 -15.93 -25.38
CA ARG A 100 5.49 -14.59 -25.83
C ARG A 100 4.69 -14.73 -27.11
N THR A 101 3.97 -13.66 -27.46
CA THR A 101 3.23 -13.64 -28.71
C THR A 101 4.20 -13.63 -29.88
N ALA A 102 3.92 -14.50 -30.85
CA ALA A 102 4.79 -14.71 -31.98
C ALA A 102 4.34 -13.85 -33.16
N THR A 103 5.12 -13.94 -34.26
CA THR A 103 4.76 -13.27 -35.50
C THR A 103 3.36 -13.68 -35.96
N SER A 104 3.15 -14.99 -36.15
CA SER A 104 1.88 -15.47 -36.68
C SER A 104 0.68 -15.10 -35.81
N GLY A 105 0.91 -14.74 -34.54
CA GLY A 105 -0.17 -14.53 -33.61
C GLY A 105 -0.18 -15.54 -32.47
N GLY A 106 0.54 -16.64 -32.60
CA GLY A 106 0.52 -17.69 -31.60
C GLY A 106 1.55 -17.49 -30.50
N SER A 107 1.51 -18.39 -29.52
CA SER A 107 2.47 -18.35 -28.43
C SER A 107 3.78 -18.97 -28.88
N GLU A 108 4.89 -18.35 -28.50
CA GLU A 108 6.22 -18.81 -28.86
C GLU A 108 7.11 -19.01 -27.64
N HIS A 109 7.87 -20.11 -27.61
CA HIS A 109 8.89 -20.35 -26.60
C HIS A 109 10.16 -19.60 -26.99
N PHE A 110 10.63 -18.69 -26.12
CA PHE A 110 11.76 -17.84 -26.46
C PHE A 110 12.86 -17.77 -25.39
N PHE A 111 12.64 -18.30 -24.19
CA PHE A 111 13.60 -18.22 -23.11
C PHE A 111 13.47 -19.47 -22.27
N THR A 112 14.58 -19.89 -21.67
CA THR A 112 14.60 -21.03 -20.78
C THR A 112 15.44 -20.72 -19.54
N THR A 113 14.96 -21.15 -18.38
CA THR A 113 15.73 -21.11 -17.14
C THR A 113 15.77 -22.51 -16.56
N LYS A 114 16.97 -23.02 -16.26
CA LYS A 114 17.13 -24.36 -15.73
C LYS A 114 17.81 -24.29 -14.38
N LEU A 115 17.26 -25.02 -13.41
CA LEU A 115 17.87 -25.17 -12.09
C LEU A 115 18.33 -26.60 -11.96
N GLU A 116 19.44 -26.81 -11.26
CA GLU A 116 20.00 -28.13 -10.97
C GLU A 116 20.10 -28.30 -9.46
N ASP A 117 19.69 -29.47 -8.95
CA ASP A 117 19.61 -29.77 -7.51
C ASP A 117 18.87 -28.67 -6.73
N ALA A 118 17.63 -28.47 -7.13
CA ALA A 118 16.78 -27.53 -6.43
C ALA A 118 16.20 -28.19 -5.20
N ILE A 119 15.88 -27.36 -4.20
CA ILE A 119 15.20 -27.79 -2.99
C ILE A 119 14.14 -26.73 -2.67
N ILE A 120 12.91 -27.19 -2.44
CA ILE A 120 11.82 -26.27 -2.15
C ILE A 120 11.93 -25.80 -0.71
N THR A 121 11.91 -24.49 -0.51
CA THR A 121 12.07 -23.92 0.81
C THR A 121 10.82 -23.24 1.34
N ASN A 122 9.82 -23.02 0.50
CA ASN A 122 8.62 -22.32 0.94
C ASN A 122 7.48 -22.56 -0.05
N ILE A 123 6.29 -22.86 0.49
CA ILE A 123 5.06 -22.94 -0.28
C ILE A 123 4.01 -22.11 0.44
N GLU A 124 3.53 -21.07 -0.23
CA GLU A 124 2.58 -20.11 0.31
C GLU A 124 1.30 -20.17 -0.52
N LEU A 125 0.19 -20.51 0.13
CA LEU A 125 -1.08 -20.63 -0.57
C LEU A 125 -1.96 -19.47 -0.14
N ILE A 126 -2.55 -18.79 -1.11
CA ILE A 126 -3.45 -17.67 -0.84
C ILE A 126 -4.61 -17.80 -1.81
N PRO A 128 -7.65 -15.39 -3.00
CA PRO A 128 -8.34 -14.09 -2.92
C PRO A 128 -9.83 -14.30 -2.89
N ASN A 129 -10.57 -13.30 -2.41
CA ASN A 129 -11.98 -13.57 -2.20
C ASN A 129 -12.83 -13.18 -3.41
N ALA A 130 -14.05 -13.72 -3.47
CA ALA A 130 -15.02 -13.30 -4.47
C ALA A 130 -15.47 -11.89 -4.12
N GLN A 131 -14.87 -10.90 -4.80
CA GLN A 131 -15.08 -9.48 -4.54
C GLN A 131 -15.91 -8.80 -5.61
N GLU A 132 -16.96 -9.50 -6.06
CA GLU A 132 -17.92 -9.00 -7.07
C GLU A 132 -17.21 -8.66 -8.39
N SER A 133 -16.70 -9.73 -9.02
CA SER A 133 -16.11 -9.74 -10.35
C SER A 133 -14.73 -9.08 -10.41
N SER A 134 -14.20 -8.60 -9.28
CA SER A 134 -12.80 -8.18 -9.28
C SER A 134 -11.85 -9.37 -9.36
N ASN A 135 -12.28 -10.53 -8.84
CA ASN A 135 -11.48 -11.75 -8.87
C ASN A 135 -12.20 -12.86 -9.63
N HIS A 136 -12.94 -12.50 -10.68
CA HIS A 136 -13.54 -13.52 -11.54
C HIS A 136 -12.46 -14.31 -12.29
N ASP A 137 -11.52 -13.62 -12.94
CA ASP A 137 -10.47 -14.30 -13.67
C ASP A 137 -9.55 -15.08 -12.70
N LYS A 138 -9.34 -14.57 -11.50
CA LYS A 138 -8.29 -15.08 -10.64
C LYS A 138 -8.65 -16.45 -10.03
N THR A 139 -7.60 -17.12 -9.58
CA THR A 139 -7.67 -18.45 -9.00
C THR A 139 -6.79 -18.47 -7.76
N GLU A 140 -7.00 -19.46 -6.88
CA GLU A 140 -6.06 -19.66 -5.78
C GLU A 140 -4.62 -19.74 -6.31
N LEU A 141 -3.68 -19.24 -5.54
CA LEU A 141 -2.29 -19.17 -5.96
C LEU A 141 -1.37 -19.92 -5.00
N LEU A 142 -0.36 -20.58 -5.56
CA LEU A 142 0.62 -21.37 -4.77
C LEU A 142 2.05 -20.93 -5.14
N LYS A 143 2.64 -20.06 -4.34
CA LYS A 143 3.99 -19.58 -4.55
C LYS A 143 4.97 -20.62 -4.04
N VAL A 144 5.76 -21.19 -4.94
CA VAL A 144 6.75 -22.21 -4.59
C VAL A 144 8.14 -21.61 -4.74
N SER A 145 8.92 -21.61 -3.67
CA SER A 145 10.27 -21.09 -3.68
C SER A 145 11.31 -22.19 -3.54
N SER A 147 15.79 -23.00 -3.52
CA SER A 147 17.21 -22.79 -3.72
C SER A 147 17.74 -23.86 -4.66
N TYR A 148 18.96 -23.69 -5.10
CA TYR A 148 19.51 -24.60 -6.10
C TYR A 148 21.02 -24.54 -6.02
N ARG A 149 21.68 -25.38 -6.83
CA ARG A 149 23.17 -25.44 -6.85
C ARG A 149 23.71 -24.86 -8.17
N LYS A 150 22.89 -24.72 -9.20
CA LYS A 150 23.36 -24.18 -10.46
C LYS A 150 22.16 -23.76 -11.29
N VAL A 151 22.31 -22.65 -12.03
CA VAL A 151 21.27 -22.10 -12.90
C VAL A 151 21.85 -21.83 -14.27
N VAL A 152 21.05 -22.11 -15.30
CA VAL A 152 21.40 -21.81 -16.68
C VAL A 152 20.32 -20.90 -17.26
N TRP A 153 20.74 -19.82 -17.90
CA TRP A 153 19.87 -18.90 -18.60
C TRP A 153 20.12 -19.01 -20.08
N GLU A 154 19.04 -19.07 -20.84
CA GLU A 154 19.14 -19.33 -22.28
C GLU A 154 18.06 -18.54 -23.00
N HIS A 155 18.47 -17.59 -23.85
CA HIS A 155 17.53 -16.99 -24.78
C HIS A 155 17.50 -17.87 -26.02
N THR A 156 16.55 -18.80 -26.05
CA THR A 156 16.51 -19.78 -27.14
C THR A 156 16.29 -19.10 -28.48
N ALA A 157 15.45 -18.06 -28.52
CA ALA A 157 15.06 -17.46 -29.78
C ALA A 157 16.21 -16.69 -30.43
N ALA A 158 17.14 -16.16 -29.64
CA ALA A 158 18.20 -15.30 -30.16
C ALA A 158 19.60 -15.84 -29.93
N GLY A 159 19.77 -16.99 -29.26
CA GLY A 159 21.05 -17.67 -29.18
C GLY A 159 21.85 -17.49 -27.91
N THR A 160 21.62 -16.43 -27.14
CA THR A 160 22.51 -16.12 -26.02
C THR A 160 22.24 -17.02 -24.81
N SER A 161 23.33 -17.47 -24.17
CA SER A 161 23.27 -18.26 -22.95
C SER A 161 24.13 -17.70 -21.81
N GLY A 162 23.84 -18.15 -20.59
CA GLY A 162 24.64 -17.84 -19.43
C GLY A 162 24.40 -18.84 -18.33
N SER A 163 25.29 -18.83 -17.34
CA SER A 163 25.19 -19.79 -16.23
C SER A 163 26.01 -19.32 -15.04
N ASP A 164 25.71 -19.90 -13.87
CA ASP A 164 26.45 -19.66 -12.63
C ASP A 164 26.15 -20.74 -11.60
N ASP A 165 27.12 -20.98 -10.71
CA ASP A 165 26.91 -21.89 -9.60
C ASP A 165 26.65 -21.13 -8.31
N TRP A 166 25.81 -21.74 -7.45
CA TRP A 166 25.49 -21.24 -6.11
C TRP A 166 26.34 -22.07 -5.15
N ARG A 167 27.49 -21.53 -4.78
CA ARG A 167 28.47 -22.32 -4.04
C ARG A 167 28.07 -22.51 -2.59
N GLU A 168 28.45 -23.67 -2.05
CA GLU A 168 28.06 -24.12 -0.72
C GLU A 168 28.90 -23.49 0.38
N GLY A 169 30.21 -23.77 0.37
CA GLY A 169 31.12 -23.28 1.38
C GLY A 169 31.09 -24.06 2.69
N ALA B 2 -12.81 -16.38 -8.77
CA ALA B 2 -12.50 -17.32 -7.71
C ALA B 2 -13.78 -17.97 -7.16
N GLU B 3 -13.74 -19.29 -6.95
CA GLU B 3 -14.90 -19.96 -6.37
C GLU B 3 -14.72 -20.13 -4.85
N PRO B 4 -15.81 -20.07 -4.08
CA PRO B 4 -15.67 -20.28 -2.63
C PRO B 4 -15.41 -21.75 -2.32
N ALA B 5 -14.73 -21.95 -1.20
CA ALA B 5 -14.47 -23.26 -0.62
C ALA B 5 -15.45 -23.47 0.52
N PHE B 6 -15.63 -24.73 0.91
CA PHE B 6 -16.56 -25.07 1.98
C PHE B 6 -15.90 -25.93 3.03
N ILE B 7 -16.08 -25.58 4.29
CA ILE B 7 -15.31 -26.15 5.40
C ILE B 7 -16.24 -26.79 6.41
N LYS B 8 -16.02 -28.07 6.65
CA LYS B 8 -16.72 -28.83 7.67
C LYS B 8 -15.84 -28.94 8.91
N ILE B 9 -16.35 -28.51 10.05
CA ILE B 9 -15.58 -28.45 11.29
C ILE B 9 -16.25 -29.37 12.31
N GLU B 10 -15.49 -30.27 12.90
CA GLU B 10 -15.98 -31.15 13.95
C GLU B 10 -15.25 -30.80 15.25
N GLY B 11 -16.01 -30.59 16.30
CA GLY B 11 -15.45 -30.22 17.60
C GLY B 11 -15.53 -31.36 18.59
N SER B 12 -14.58 -31.38 19.53
CA SER B 12 -14.53 -32.39 20.58
C SER B 12 -15.57 -32.17 21.68
N THR B 13 -16.10 -30.97 21.77
CA THR B 13 -17.09 -30.57 22.76
C THR B 13 -18.38 -30.10 22.12
N GLN B 14 -18.31 -29.38 21.01
CA GLN B 14 -19.49 -28.81 20.40
C GLN B 14 -19.96 -29.56 19.16
N GLY B 15 -19.34 -30.69 18.83
CA GLY B 15 -19.86 -31.48 17.71
C GLY B 15 -19.67 -30.77 16.38
N LEU B 16 -20.66 -30.93 15.52
CA LEU B 16 -20.60 -30.36 14.19
C LEU B 16 -20.75 -28.84 14.30
N ILE B 17 -19.61 -28.16 14.49
CA ILE B 17 -19.63 -26.71 14.65
C ILE B 17 -20.11 -26.04 13.38
N SER B 18 -19.82 -26.61 12.22
CA SER B 18 -20.25 -26.01 10.97
C SER B 18 -21.71 -26.32 10.66
N SER B 19 -22.44 -26.95 11.59
CA SER B 19 -23.82 -27.34 11.31
C SER B 19 -24.66 -26.13 10.94
N GLY B 20 -25.33 -26.20 9.80
CA GLY B 20 -26.19 -25.12 9.33
C GLY B 20 -25.50 -23.83 8.98
N ALA B 21 -24.18 -23.85 8.76
CA ALA B 21 -23.45 -22.61 8.53
C ALA B 21 -23.86 -21.92 7.24
N SER B 22 -24.21 -22.69 6.20
CA SER B 22 -24.53 -22.13 4.90
C SER B 22 -26.03 -22.21 4.59
N THR B 23 -26.85 -21.86 5.56
CA THR B 23 -28.30 -21.85 5.38
C THR B 23 -28.79 -20.41 5.39
N GLU B 24 -30.06 -20.25 5.00
CA GLU B 24 -30.61 -18.91 4.88
C GLU B 24 -30.61 -18.22 6.24
N ALA B 25 -31.01 -18.93 7.28
CA ALA B 25 -31.01 -18.36 8.62
C ALA B 25 -29.62 -17.90 9.02
N SER B 26 -28.58 -18.52 8.46
CA SER B 26 -27.21 -18.28 8.86
C SER B 26 -26.57 -17.15 8.10
N ILE B 27 -26.72 -17.14 6.77
CA ILE B 27 -26.01 -16.19 5.92
C ILE B 27 -26.92 -15.34 5.06
N GLY B 28 -28.21 -15.61 5.03
CA GLY B 28 -29.15 -14.70 4.40
C GLY B 28 -29.30 -14.95 2.90
N ASN B 29 -29.39 -13.87 2.12
CA ASN B 29 -29.52 -14.04 0.67
C ASN B 29 -28.29 -14.67 0.05
N ARG B 30 -27.19 -14.76 0.79
CA ARG B 30 -25.99 -15.49 0.35
C ARG B 30 -26.12 -17.00 0.52
N TYR B 31 -27.33 -17.48 0.79
CA TYR B 31 -27.59 -18.92 0.97
C TYR B 31 -27.03 -19.73 -0.19
N LYS B 32 -26.37 -20.85 0.13
CA LYS B 32 -25.86 -21.79 -0.87
C LYS B 32 -26.56 -23.13 -0.65
N SER B 33 -27.39 -23.51 -1.61
CA SER B 33 -28.07 -24.80 -1.58
C SER B 33 -27.05 -25.89 -1.89
N GLY B 34 -26.77 -26.75 -0.91
CA GLY B 34 -25.87 -27.84 -1.16
C GLY B 34 -24.92 -28.13 -0.02
N HIS B 35 -24.39 -27.06 0.57
CA HIS B 35 -23.42 -27.16 1.65
C HIS B 35 -23.96 -26.70 2.99
N GLU B 36 -25.17 -27.14 3.34
CA GLU B 36 -25.86 -26.61 4.51
C GLU B 36 -25.03 -26.74 5.77
N ASP B 37 -24.31 -27.87 5.91
CA ASP B 37 -23.51 -28.16 7.10
C ASP B 37 -22.04 -27.81 6.91
N GLU B 38 -21.74 -26.78 6.12
CA GLU B 38 -20.38 -26.33 5.89
C GLU B 38 -20.29 -24.81 5.91
N ILE B 39 -19.19 -24.32 6.44
CA ILE B 39 -18.89 -22.89 6.38
C ILE B 39 -18.38 -22.55 4.98
N ALA B 41 -16.02 -20.48 2.76
CA ALA B 41 -14.78 -19.73 2.85
C ALA B 41 -14.57 -18.89 1.60
N GLN B 42 -14.52 -17.58 1.81
CA GLN B 42 -14.28 -16.54 0.83
C GLN B 42 -12.79 -16.28 0.67
N GLU B 43 -11.98 -16.59 1.69
CA GLU B 43 -10.51 -16.56 1.59
C GLU B 43 -9.89 -17.72 2.35
N VAL B 44 -8.68 -18.11 1.95
CA VAL B 44 -7.89 -19.12 2.65
C VAL B 44 -6.42 -18.75 2.49
N SER B 45 -5.63 -18.95 3.54
CA SER B 45 -4.19 -18.78 3.42
C SER B 45 -3.51 -19.77 4.37
N HIS B 46 -2.34 -20.23 3.94
CA HIS B 46 -1.58 -21.24 4.67
C HIS B 46 -0.16 -21.22 4.12
N ILE B 47 0.82 -21.35 5.02
CA ILE B 47 2.25 -21.30 4.68
C ILE B 47 2.92 -22.51 5.29
N VAL B 48 3.85 -23.11 4.56
CA VAL B 48 4.77 -24.09 5.12
C VAL B 48 6.17 -23.75 4.63
N THR B 49 7.15 -23.82 5.54
CA THR B 49 8.47 -23.22 5.31
C THR B 49 9.57 -24.09 5.88
N VAL B 50 10.75 -23.96 5.30
CA VAL B 50 11.98 -24.50 5.87
C VAL B 50 12.93 -23.32 6.08
N PRO B 51 13.44 -23.13 7.29
CA PRO B 51 14.44 -22.08 7.49
C PRO B 51 15.66 -22.39 6.66
N VAL B 52 16.29 -21.33 6.17
CA VAL B 52 17.42 -21.44 5.26
C VAL B 52 18.49 -20.48 5.75
N ASP B 53 19.74 -20.78 5.38
CA ASP B 53 20.86 -19.99 5.88
C ASP B 53 20.92 -18.61 5.22
N GLN B 54 20.28 -18.45 4.05
CA GLN B 54 20.20 -17.20 3.28
C GLN B 54 21.53 -16.96 2.56
N GLN B 55 22.53 -17.80 2.82
CA GLN B 55 23.81 -17.69 2.14
C GLN B 55 24.11 -18.91 1.30
N SER B 56 24.11 -20.10 1.88
CA SER B 56 24.34 -21.32 1.11
C SER B 56 23.05 -21.87 0.50
N GLY B 57 21.89 -21.44 1.00
CA GLY B 57 20.63 -21.94 0.50
C GLY B 57 20.22 -23.30 1.04
N GLN B 58 21.05 -23.93 1.90
CA GLN B 58 20.64 -25.18 2.52
C GLN B 58 19.83 -24.89 3.79
N PRO B 59 18.93 -25.81 4.15
CA PRO B 59 18.08 -25.57 5.33
C PRO B 59 18.90 -25.33 6.59
N SER B 60 18.34 -24.53 7.49
CA SER B 60 18.92 -24.25 8.80
C SER B 60 17.97 -24.68 9.92
N GLY B 61 17.38 -25.86 9.78
CA GLY B 61 16.45 -26.38 10.77
C GLY B 61 15.38 -27.23 10.09
N GLN B 62 14.49 -27.76 10.93
CA GLN B 62 13.36 -28.56 10.46
C GLN B 62 12.35 -27.69 9.71
N ARG B 63 11.39 -28.33 9.06
CA ARG B 63 10.26 -27.62 8.49
C ARG B 63 9.41 -27.02 9.58
N VAL B 64 8.78 -25.88 9.29
CA VAL B 64 7.86 -25.23 10.21
C VAL B 64 6.52 -25.04 9.50
N HIS B 65 5.48 -25.61 10.08
CA HIS B 65 4.11 -25.33 9.68
C HIS B 65 3.66 -24.02 10.32
N LYS B 66 2.90 -23.25 9.57
CA LYS B 66 2.28 -22.02 10.03
C LYS B 66 0.77 -22.21 10.05
N PRO B 67 0.04 -21.36 10.76
CA PRO B 67 -1.41 -21.60 10.94
C PRO B 67 -2.16 -21.58 9.61
N PHE B 68 -3.15 -22.46 9.53
CA PHE B 68 -4.09 -22.46 8.41
C PHE B 68 -5.21 -21.49 8.72
N SER B 69 -5.63 -20.73 7.71
CA SER B 69 -6.62 -19.67 7.91
C SER B 69 -7.71 -19.74 6.86
N PHE B 70 -8.92 -19.43 7.29
CA PHE B 70 -10.03 -19.22 6.37
C PHE B 70 -10.77 -17.99 6.84
N THR B 71 -11.44 -17.35 5.88
CA THR B 71 -12.19 -16.12 6.15
C THR B 71 -13.63 -16.34 5.78
N CYS B 72 -14.53 -16.02 6.70
CA CYS B 72 -15.95 -16.15 6.46
C CYS B 72 -16.64 -14.88 6.93
N SER B 73 -17.96 -14.90 6.90
CA SER B 73 -18.76 -13.79 7.42
C SER B 73 -19.37 -14.22 8.76
N LEU B 74 -20.19 -13.34 9.34
CA LEU B 74 -20.81 -13.68 10.61
C LEU B 74 -21.90 -14.69 10.36
N ASN B 75 -21.57 -15.97 10.48
CA ASN B 75 -22.51 -17.05 10.24
C ASN B 75 -22.80 -17.77 11.54
N LYS B 76 -23.68 -18.76 11.45
CA LYS B 76 -24.20 -19.44 12.63
C LYS B 76 -23.09 -20.11 13.45
N SER B 77 -21.94 -20.39 12.83
CA SER B 77 -20.83 -21.03 13.53
C SER B 77 -19.97 -20.07 14.35
N VAL B 78 -20.02 -18.75 14.09
CA VAL B 78 -19.08 -17.84 14.73
C VAL B 78 -19.14 -17.91 16.26
N PRO B 79 -20.31 -17.84 16.91
CA PRO B 79 -20.30 -17.97 18.39
C PRO B 79 -19.71 -19.29 18.84
N LEU B 80 -19.94 -20.34 18.09
CA LEU B 80 -19.34 -21.62 18.43
C LEU B 80 -17.82 -21.55 18.28
N LEU B 81 -17.33 -20.89 17.22
CA LEU B 81 -15.89 -20.79 17.02
C LEU B 81 -15.22 -19.96 18.12
N TYR B 82 -15.88 -18.89 18.58
CA TYR B 82 -15.34 -18.14 19.71
C TYR B 82 -15.28 -19.02 20.96
N ASN B 83 -16.30 -19.86 21.19
CA ASN B 83 -16.26 -20.79 22.31
C ASN B 83 -15.05 -21.69 22.24
N ALA B 84 -14.82 -22.29 21.07
CA ALA B 84 -13.69 -23.19 20.89
C ALA B 84 -12.36 -22.49 21.12
N LEU B 85 -12.18 -21.30 20.53
CA LEU B 85 -10.96 -20.51 20.73
C LEU B 85 -10.67 -20.28 22.20
N THR B 86 -11.65 -19.71 22.93
CA THR B 86 -11.47 -19.27 24.31
C THR B 86 -11.41 -20.44 25.29
N LYS B 87 -12.04 -21.56 24.96
CA LYS B 87 -12.00 -22.74 25.82
C LYS B 87 -10.89 -23.71 25.40
N GLY B 88 -10.18 -23.43 24.32
CA GLY B 88 -9.14 -24.33 23.87
C GLY B 88 -9.65 -25.64 23.35
N GLU B 89 -10.85 -25.63 22.76
CA GLU B 89 -11.42 -26.84 22.22
C GLU B 89 -10.63 -27.29 21.00
N ARG B 90 -10.16 -28.53 21.02
CA ARG B 90 -9.52 -29.14 19.86
C ARG B 90 -10.55 -29.71 18.89
N LEU B 91 -10.31 -29.52 17.60
CA LEU B 91 -11.23 -30.01 16.54
C LEU B 91 -10.60 -31.23 15.87
N PRO B 92 -11.20 -32.41 16.05
CA PRO B 92 -10.59 -33.61 15.44
C PRO B 92 -10.49 -33.54 13.93
N THR B 93 -11.45 -32.95 13.24
CA THR B 93 -11.35 -32.83 11.80
C THR B 93 -11.82 -31.45 11.33
N VAL B 94 -11.03 -30.84 10.46
CA VAL B 94 -11.43 -29.71 9.65
C VAL B 94 -11.16 -30.11 8.22
N GLU B 95 -12.19 -30.07 7.37
CA GLU B 95 -12.08 -30.50 5.97
C GLU B 95 -12.56 -29.40 5.04
N VAL B 96 -11.68 -28.93 4.16
CA VAL B 96 -12.01 -27.89 3.20
C VAL B 96 -12.14 -28.55 1.82
N HIS B 97 -13.21 -28.23 1.11
CA HIS B 97 -13.45 -28.71 -0.24
C HIS B 97 -13.32 -27.54 -1.20
N TRP B 98 -12.39 -27.66 -2.14
CA TRP B 98 -12.13 -26.61 -3.13
C TRP B 98 -12.90 -26.88 -4.43
N PHE B 99 -13.34 -25.80 -5.07
CA PHE B 99 -14.19 -25.88 -6.24
C PHE B 99 -13.63 -25.03 -7.39
N ARG B 100 -14.00 -25.44 -8.61
CA ARG B 100 -13.63 -24.76 -9.84
C ARG B 100 -14.79 -24.86 -10.82
N THR B 101 -14.77 -24.01 -11.84
CA THR B 101 -15.79 -24.09 -12.88
C THR B 101 -15.63 -25.39 -13.66
N ALA B 102 -16.74 -26.09 -13.87
CA ALA B 102 -16.69 -27.34 -14.60
C ALA B 102 -17.08 -27.10 -16.06
N THR B 103 -16.89 -28.15 -16.86
CA THR B 103 -17.29 -28.11 -18.27
C THR B 103 -18.77 -27.80 -18.42
N SER B 104 -19.62 -28.54 -17.72
CA SER B 104 -21.06 -28.34 -17.76
C SER B 104 -21.47 -26.90 -17.47
N GLY B 105 -20.61 -26.13 -16.81
CA GLY B 105 -20.90 -24.76 -16.40
C GLY B 105 -20.99 -24.59 -14.90
N GLY B 106 -21.20 -25.68 -14.16
CA GLY B 106 -21.31 -25.62 -12.72
C GLY B 106 -19.96 -25.79 -12.07
N SER B 107 -19.93 -25.66 -10.76
CA SER B 107 -18.72 -25.89 -9.99
C SER B 107 -18.54 -27.37 -9.69
N GLU B 108 -17.28 -27.82 -9.71
CA GLU B 108 -16.93 -29.18 -9.31
C GLU B 108 -15.90 -29.17 -8.18
N HIS B 109 -16.05 -30.10 -7.24
CA HIS B 109 -15.10 -30.28 -6.16
C HIS B 109 -13.89 -31.03 -6.70
N PHE B 110 -12.71 -30.43 -6.58
CA PHE B 110 -11.51 -31.01 -7.19
C PHE B 110 -10.33 -31.18 -6.25
N PHE B 111 -10.36 -30.57 -5.07
CA PHE B 111 -9.23 -30.59 -4.15
C PHE B 111 -9.74 -30.62 -2.72
N THR B 112 -9.00 -31.31 -1.85
CA THR B 112 -9.36 -31.38 -0.43
C THR B 112 -8.15 -31.16 0.44
N THR B 113 -8.33 -30.35 1.48
CA THR B 113 -7.36 -30.16 2.55
C THR B 113 -8.01 -30.57 3.86
N LYS B 114 -7.37 -31.49 4.57
CA LYS B 114 -7.89 -31.98 5.84
C LYS B 114 -6.90 -31.65 6.93
N LEU B 115 -7.39 -31.07 8.03
CA LEU B 115 -6.61 -30.89 9.25
C LEU B 115 -7.11 -31.85 10.31
N GLU B 116 -6.19 -32.40 11.09
CA GLU B 116 -6.51 -33.33 12.17
C GLU B 116 -6.06 -32.67 13.46
N ASP B 117 -6.95 -32.71 14.47
CA ASP B 117 -6.77 -32.08 15.79
C ASP B 117 -6.32 -30.63 15.67
N ALA B 118 -7.16 -29.83 15.04
CA ALA B 118 -6.85 -28.43 14.92
C ALA B 118 -7.18 -27.71 16.22
N ILE B 119 -6.56 -26.55 16.41
CA ILE B 119 -6.86 -25.66 17.51
C ILE B 119 -6.93 -24.24 16.96
N ILE B 120 -7.99 -23.51 17.27
CA ILE B 120 -8.12 -22.13 16.81
C ILE B 120 -7.20 -21.24 17.64
N THR B 121 -6.36 -20.45 16.97
CA THR B 121 -5.42 -19.59 17.67
C THR B 121 -5.73 -18.11 17.49
N ASN B 122 -6.63 -17.74 16.58
CA ASN B 122 -6.88 -16.34 16.30
C ASN B 122 -8.19 -16.20 15.54
N ILE B 123 -9.01 -15.23 15.93
CA ILE B 123 -10.21 -14.86 15.18
C ILE B 123 -10.24 -13.34 15.01
N GLU B 124 -10.22 -12.88 13.76
CA GLU B 124 -10.15 -11.47 13.44
C GLU B 124 -11.43 -11.08 12.72
N LEU B 125 -12.18 -10.13 13.27
CA LEU B 125 -13.42 -9.62 12.69
C LEU B 125 -13.23 -8.19 12.22
N ILE B 126 -13.66 -7.91 10.98
CA ILE B 126 -13.56 -6.60 10.36
C ILE B 126 -14.85 -6.35 9.62
N PRO B 128 -16.07 -3.89 6.84
CA PRO B 128 -15.67 -2.81 5.93
C PRO B 128 -16.72 -1.69 5.90
N ASN B 129 -16.26 -0.49 5.53
CA ASN B 129 -17.07 0.72 5.64
C ASN B 129 -18.38 0.65 4.89
N ALA B 130 -19.49 0.65 5.62
CA ALA B 130 -20.83 0.47 5.08
C ALA B 130 -21.35 1.69 4.32
N GLN B 131 -20.57 2.74 4.08
CA GLN B 131 -21.05 3.94 3.38
C GLN B 131 -20.52 4.11 1.94
N ASP B 137 -22.45 -4.88 -1.62
CA ASP B 137 -22.28 -6.29 -1.99
C ASP B 137 -21.33 -7.03 -1.05
N LYS B 138 -20.63 -6.28 -0.18
CA LYS B 138 -19.66 -6.90 0.71
C LYS B 138 -20.26 -7.15 2.09
N THR B 139 -19.71 -8.14 2.77
CA THR B 139 -20.11 -8.54 4.12
C THR B 139 -18.93 -8.33 5.07
N GLU B 140 -19.25 -8.23 6.35
CA GLU B 140 -18.22 -8.29 7.39
C GLU B 140 -17.36 -9.54 7.19
N LEU B 141 -16.10 -9.45 7.59
CA LEU B 141 -15.14 -10.54 7.39
C LEU B 141 -14.64 -11.09 8.72
N LEU B 142 -14.52 -12.41 8.79
CA LEU B 142 -14.05 -13.08 10.01
C LEU B 142 -12.94 -14.06 9.63
N LYS B 143 -11.70 -13.73 10.02
CA LYS B 143 -10.56 -14.59 9.76
C LYS B 143 -10.32 -15.55 10.92
N VAL B 144 -10.40 -16.86 10.63
CA VAL B 144 -10.17 -17.90 11.61
C VAL B 144 -8.83 -18.58 11.30
N SER B 145 -7.90 -18.55 12.25
CA SER B 145 -6.59 -19.16 12.10
C SER B 145 -6.46 -20.39 12.99
N SER B 147 -3.83 -23.87 14.17
CA SER B 147 -2.79 -24.88 14.05
C SER B 147 -3.44 -26.24 14.16
N TYR B 148 -2.66 -27.28 13.93
CA TYR B 148 -3.18 -28.64 13.81
C TYR B 148 -2.03 -29.59 14.11
N ARG B 149 -2.34 -30.88 14.13
CA ARG B 149 -1.30 -31.88 14.32
C ARG B 149 -0.93 -32.62 13.03
N LYS B 150 -1.78 -32.57 12.01
CA LYS B 150 -1.50 -33.24 10.76
C LYS B 150 -2.38 -32.67 9.68
N VAL B 151 -1.84 -32.54 8.47
CA VAL B 151 -2.58 -32.06 7.32
C VAL B 151 -2.36 -33.03 6.17
N VAL B 152 -3.43 -33.32 5.43
CA VAL B 152 -3.34 -34.11 4.23
C VAL B 152 -3.94 -33.30 3.10
N TRP B 153 -3.26 -33.30 1.95
CA TRP B 153 -3.68 -32.64 0.72
C TRP B 153 -4.07 -33.70 -0.31
N GLU B 154 -5.18 -33.46 -1.00
CA GLU B 154 -5.71 -34.43 -1.96
C GLU B 154 -6.20 -33.69 -3.18
N HIS B 155 -5.60 -33.97 -4.33
CA HIS B 155 -6.19 -33.56 -5.62
C HIS B 155 -7.16 -34.65 -6.00
N THR B 156 -8.44 -34.44 -5.69
CA THR B 156 -9.43 -35.50 -5.86
C THR B 156 -9.59 -35.87 -7.33
N ALA B 157 -9.63 -34.88 -8.23
CA ALA B 157 -9.94 -35.17 -9.62
C ALA B 157 -8.81 -35.91 -10.33
N ALA B 158 -7.56 -35.73 -9.90
CA ALA B 158 -6.45 -36.33 -10.61
C ALA B 158 -5.76 -37.43 -9.83
N GLY B 159 -6.10 -37.61 -8.55
CA GLY B 159 -5.66 -38.79 -7.84
C GLY B 159 -4.34 -38.70 -7.13
N THR B 160 -3.94 -37.54 -6.63
CA THR B 160 -2.68 -37.41 -5.91
C THR B 160 -2.94 -36.91 -4.50
N SER B 161 -2.27 -37.51 -3.53
CA SER B 161 -2.36 -37.09 -2.15
C SER B 161 -0.98 -36.96 -1.51
N GLY B 162 -0.94 -36.16 -0.46
CA GLY B 162 0.25 -35.99 0.35
C GLY B 162 -0.18 -35.55 1.73
N SER B 163 0.75 -35.67 2.67
CA SER B 163 0.41 -35.41 4.05
C SER B 163 1.66 -35.11 4.86
N ASP B 164 1.46 -34.56 6.05
CA ASP B 164 2.58 -34.32 6.95
C ASP B 164 2.06 -34.06 8.35
N ASP B 165 2.90 -34.35 9.34
CA ASP B 165 2.60 -34.00 10.71
C ASP B 165 3.26 -32.67 11.06
N TRP B 166 2.73 -32.02 12.10
CA TRP B 166 3.19 -30.68 12.47
C TRP B 166 4.50 -30.74 13.22
N GLU C 3 -26.73 -2.42 5.80
CA GLU C 3 -25.75 -3.12 6.64
C GLU C 3 -24.97 -2.35 7.74
N PRO C 4 -25.29 -1.09 8.08
CA PRO C 4 -24.62 -0.50 9.25
C PRO C 4 -25.18 -1.13 10.52
N ALA C 5 -24.36 -1.14 11.57
CA ALA C 5 -24.76 -1.67 12.86
C ALA C 5 -25.15 -0.54 13.80
N PHE C 6 -25.91 -0.90 14.84
CA PHE C 6 -26.43 0.07 15.80
C PHE C 6 -26.04 -0.39 17.19
N ILE C 7 -25.51 0.54 17.98
CA ILE C 7 -24.87 0.24 19.27
C ILE C 7 -25.55 1.06 20.37
N LYS C 8 -26.06 0.37 21.39
CA LYS C 8 -26.61 0.99 22.58
C LYS C 8 -25.55 0.97 23.68
N ILE C 9 -25.31 2.13 24.29
CA ILE C 9 -24.21 2.29 25.23
C ILE C 9 -24.78 2.86 26.53
N GLU C 10 -24.56 2.16 27.63
CA GLU C 10 -25.01 2.57 28.95
C GLU C 10 -23.79 2.85 29.82
N GLY C 11 -23.74 4.04 30.41
CA GLY C 11 -22.63 4.45 31.26
C GLY C 11 -23.02 4.57 32.72
N SER C 12 -22.05 4.27 33.60
CA SER C 12 -22.27 4.29 35.04
C SER C 12 -22.32 5.70 35.61
N THR C 13 -21.91 6.71 34.86
CA THR C 13 -21.97 8.10 35.29
C THR C 13 -22.85 8.95 34.39
N GLN C 14 -22.82 8.73 33.07
CA GLN C 14 -23.58 9.55 32.16
C GLN C 14 -24.87 8.89 31.70
N GLY C 15 -25.20 7.72 32.25
CA GLY C 15 -26.47 7.11 31.87
C GLY C 15 -26.43 6.63 30.44
N LEU C 16 -27.56 6.81 29.74
CA LEU C 16 -27.72 6.37 28.37
C LEU C 16 -26.93 7.27 27.44
N ILE C 17 -25.66 6.92 27.22
CA ILE C 17 -24.81 7.76 26.37
C ILE C 17 -25.32 7.80 24.94
N SER C 18 -25.89 6.70 24.45
CA SER C 18 -26.37 6.70 23.06
C SER C 18 -27.73 7.39 22.88
N SER C 19 -28.26 8.04 23.90
CA SER C 19 -29.59 8.64 23.80
C SER C 19 -29.64 9.65 22.65
N GLY C 20 -30.61 9.45 21.75
CA GLY C 20 -30.83 10.34 20.63
C GLY C 20 -29.70 10.39 19.63
N ALA C 21 -28.79 9.42 19.64
CA ALA C 21 -27.63 9.48 18.74
C ALA C 21 -28.05 9.43 17.27
N SER C 22 -29.10 8.70 16.94
CA SER C 22 -29.51 8.59 15.54
C SER C 22 -30.82 9.33 15.29
N THR C 23 -30.94 10.53 15.83
CA THR C 23 -32.12 11.36 15.58
C THR C 23 -31.72 12.51 14.69
N GLU C 24 -32.73 13.23 14.19
CA GLU C 24 -32.48 14.25 13.19
C GLU C 24 -31.56 15.33 13.72
N ALA C 25 -31.81 15.80 14.96
CA ALA C 25 -30.93 16.80 15.56
C ALA C 25 -29.49 16.33 15.65
N SER C 26 -29.27 15.01 15.70
CA SER C 26 -27.95 14.44 15.93
C SER C 26 -27.17 14.24 14.64
N ILE C 27 -27.80 13.68 13.61
CA ILE C 27 -27.06 13.27 12.42
C ILE C 27 -27.61 13.85 11.12
N GLY C 28 -28.76 14.51 11.18
CA GLY C 28 -29.29 15.25 10.03
C GLY C 28 -30.14 14.39 9.11
N ASN C 29 -30.07 14.58 7.78
CA ASN C 29 -30.80 13.66 6.90
C ASN C 29 -30.32 12.23 6.94
N ARG C 30 -29.28 11.91 7.69
CA ARG C 30 -29.04 10.50 7.91
C ARG C 30 -29.89 9.92 9.03
N TYR C 31 -30.96 10.61 9.45
CA TYR C 31 -31.84 10.13 10.51
C TYR C 31 -32.32 8.71 10.22
N LYS C 32 -32.36 7.88 11.27
CA LYS C 32 -32.77 6.49 11.15
C LYS C 32 -33.84 6.19 12.20
N SER C 33 -35.10 6.13 11.75
CA SER C 33 -36.21 5.83 12.63
C SER C 33 -36.23 4.34 12.92
N GLY C 34 -36.01 4.00 14.18
CA GLY C 34 -35.99 2.64 14.65
C GLY C 34 -34.90 2.53 15.70
N HIS C 35 -33.78 3.17 15.40
CA HIS C 35 -32.60 3.16 16.23
C HIS C 35 -32.29 4.53 16.85
N GLU C 36 -33.32 5.23 17.34
CA GLU C 36 -33.12 6.59 17.84
C GLU C 36 -32.08 6.64 18.96
N ASP C 37 -32.08 5.65 19.85
CA ASP C 37 -31.21 5.59 21.02
C ASP C 37 -29.97 4.73 20.81
N GLU C 38 -29.49 4.62 19.57
CA GLU C 38 -28.32 3.82 19.25
C GLU C 38 -27.38 4.60 18.34
N ILE C 39 -26.09 4.44 18.55
CA ILE C 39 -25.12 5.01 17.63
C ILE C 39 -25.06 4.15 16.37
N ALA C 41 -22.98 2.61 13.42
CA ALA C 41 -21.58 2.21 13.25
C ALA C 41 -21.34 1.82 11.80
N GLN C 42 -20.36 2.48 11.16
CA GLN C 42 -20.00 2.16 9.77
C GLN C 42 -19.00 1.03 9.66
N GLU C 43 -18.12 0.92 10.65
CA GLU C 43 -17.09 -0.09 10.65
C GLU C 43 -17.03 -0.64 12.06
N VAL C 44 -16.52 -1.86 12.19
CA VAL C 44 -16.27 -2.44 13.50
C VAL C 44 -15.07 -3.36 13.34
N SER C 45 -14.20 -3.41 14.35
CA SER C 45 -13.09 -4.35 14.28
C SER C 45 -12.80 -4.94 15.65
N HIS C 46 -12.39 -6.20 15.66
CA HIS C 46 -12.20 -6.86 16.93
C HIS C 46 -11.41 -8.14 16.74
N ILE C 47 -10.46 -8.37 17.63
CA ILE C 47 -9.56 -9.52 17.58
C ILE C 47 -9.57 -10.19 18.94
N VAL C 48 -9.57 -11.52 18.94
CA VAL C 48 -9.28 -12.33 20.11
C VAL C 48 -8.28 -13.39 19.69
N THR C 49 -7.26 -13.63 20.52
CA THR C 49 -6.11 -14.41 20.14
C THR C 49 -5.62 -15.26 21.32
N VAL C 50 -4.94 -16.37 20.97
CA VAL C 50 -4.23 -17.21 21.92
C VAL C 50 -2.77 -17.25 21.52
N PRO C 51 -1.85 -17.01 22.44
CA PRO C 51 -0.42 -17.16 22.10
C PRO C 51 -0.06 -18.61 21.82
N VAL C 52 0.91 -18.80 20.94
CA VAL C 52 1.38 -20.14 20.59
C VAL C 52 2.90 -20.19 20.57
N ASP C 53 3.43 -21.40 20.77
CA ASP C 53 4.85 -21.67 20.59
C ASP C 53 5.08 -21.98 19.10
N GLN C 54 5.80 -21.09 18.41
CA GLN C 54 5.89 -21.12 16.95
C GLN C 54 6.48 -22.43 16.43
N GLN C 55 7.74 -22.68 16.74
CA GLN C 55 8.39 -23.94 16.33
C GLN C 55 8.22 -25.00 17.41
N SER C 56 6.97 -25.22 17.82
CA SER C 56 6.65 -26.14 18.91
C SER C 56 5.15 -26.44 18.88
N GLY C 57 4.66 -26.99 19.99
CA GLY C 57 3.23 -27.14 20.25
C GLY C 57 2.53 -25.79 20.16
N GLN C 58 1.22 -25.78 19.89
CA GLN C 58 0.51 -24.52 19.80
C GLN C 58 0.26 -23.85 21.16
N PRO C 59 -0.63 -24.36 21.99
CA PRO C 59 -1.27 -23.49 22.97
C PRO C 59 -0.35 -23.23 24.17
N SER C 60 0.15 -22.00 24.27
CA SER C 60 0.86 -21.56 25.46
C SER C 60 0.30 -20.21 25.91
N GLY C 61 0.25 -20.01 27.22
CA GLY C 61 -0.15 -18.74 27.77
C GLY C 61 -1.65 -18.48 27.71
N GLN C 62 -2.07 -17.51 28.51
CA GLN C 62 -3.45 -17.08 28.56
C GLN C 62 -3.89 -16.44 27.25
N ARG C 63 -5.15 -16.65 26.89
CA ARG C 63 -5.75 -15.94 25.78
C ARG C 63 -5.65 -14.44 26.02
N VAL C 64 -5.66 -13.67 24.94
CA VAL C 64 -5.63 -12.22 25.01
C VAL C 64 -6.83 -11.68 24.24
N HIS C 65 -7.75 -11.04 24.96
CA HIS C 65 -8.79 -10.25 24.32
C HIS C 65 -8.20 -8.90 23.96
N LYS C 66 -8.58 -8.39 22.79
CA LYS C 66 -8.17 -7.07 22.34
C LYS C 66 -9.37 -6.11 22.24
N PRO C 67 -9.11 -4.81 22.15
CA PRO C 67 -10.22 -3.85 22.20
C PRO C 67 -11.20 -4.04 21.06
N PHE C 68 -12.47 -3.86 21.37
CA PHE C 68 -13.53 -3.80 20.38
C PHE C 68 -13.66 -2.36 19.90
N SER C 69 -13.83 -2.19 18.58
CA SER C 69 -13.87 -0.86 17.99
C SER C 69 -15.10 -0.70 17.10
N PHE C 70 -15.66 0.50 17.10
CA PHE C 70 -16.70 0.86 16.16
C PHE C 70 -16.41 2.25 15.62
N THR C 71 -16.94 2.54 14.44
CA THR C 71 -16.73 3.82 13.79
C THR C 71 -18.08 4.47 13.51
N CYS C 72 -18.21 5.72 13.92
CA CYS C 72 -19.42 6.48 13.67
C CYS C 72 -19.07 7.87 13.15
N SER C 73 -20.06 8.73 13.02
CA SER C 73 -19.84 10.11 12.63
C SER C 73 -19.98 11.01 13.85
N LEU C 74 -19.91 12.32 13.63
CA LEU C 74 -20.07 13.28 14.72
C LEU C 74 -21.56 13.35 15.08
N ASN C 75 -21.97 12.59 16.10
CA ASN C 75 -23.36 12.56 16.54
C ASN C 75 -23.45 13.08 17.98
N LYS C 76 -24.68 13.08 18.49
CA LYS C 76 -24.96 13.71 19.78
C LYS C 76 -24.18 13.08 20.92
N SER C 77 -23.75 11.81 20.77
CA SER C 77 -23.05 11.09 21.82
C SER C 77 -21.56 11.39 21.89
N VAL C 78 -20.99 11.96 20.83
CA VAL C 78 -19.52 12.10 20.76
C VAL C 78 -18.94 12.87 21.95
N PRO C 79 -19.46 14.04 22.34
CA PRO C 79 -18.89 14.72 23.52
C PRO C 79 -18.99 13.85 24.77
N LEU C 80 -20.07 13.08 24.90
CA LEU C 80 -20.15 12.16 26.03
C LEU C 80 -19.11 11.06 25.90
N LEU C 81 -18.88 10.57 24.68
CA LEU C 81 -17.89 9.51 24.51
C LEU C 81 -16.50 10.03 24.87
N TYR C 82 -16.20 11.27 24.49
CA TYR C 82 -14.95 11.87 24.94
C TYR C 82 -14.91 12.01 26.47
N ASN C 83 -16.04 12.36 27.09
CA ASN C 83 -16.10 12.43 28.55
C ASN C 83 -15.76 11.07 29.16
N ALA C 84 -16.35 10.00 28.62
CA ALA C 84 -16.09 8.65 29.15
C ALA C 84 -14.62 8.29 28.99
N LEU C 85 -14.04 8.55 27.81
CA LEU C 85 -12.62 8.28 27.59
C LEU C 85 -11.75 8.99 28.63
N THR C 86 -11.90 10.33 28.74
CA THR C 86 -10.98 11.12 29.58
C THR C 86 -11.18 10.90 31.08
N LYS C 87 -12.37 10.50 31.52
CA LYS C 87 -12.63 10.29 32.93
C LYS C 87 -12.56 8.81 33.31
N GLY C 88 -12.35 7.92 32.36
CA GLY C 88 -12.31 6.50 32.67
C GLY C 88 -13.64 5.93 33.08
N GLU C 89 -14.74 6.45 32.53
CA GLU C 89 -16.06 5.97 32.93
C GLU C 89 -16.24 4.51 32.53
N ARG C 90 -16.61 3.69 33.50
CA ARG C 90 -16.90 2.31 33.19
C ARG C 90 -18.29 2.24 32.60
N LEU C 91 -18.45 1.45 31.53
CA LEU C 91 -19.72 1.35 30.83
C LEU C 91 -20.32 -0.02 31.10
N PRO C 92 -21.36 -0.13 31.93
CA PRO C 92 -21.87 -1.46 32.27
C PRO C 92 -22.34 -2.29 31.07
N THR C 93 -22.92 -1.69 30.03
CA THR C 93 -23.33 -2.48 28.87
C THR C 93 -23.08 -1.72 27.57
N VAL C 94 -22.49 -2.41 26.60
CA VAL C 94 -22.39 -2.01 25.20
C VAL C 94 -23.00 -3.12 24.36
N GLU C 95 -23.99 -2.78 23.55
CA GLU C 95 -24.76 -3.77 22.80
C GLU C 95 -24.76 -3.40 21.33
N VAL C 96 -24.23 -4.30 20.51
CA VAL C 96 -24.15 -4.10 19.06
C VAL C 96 -25.20 -4.99 18.39
N HIS C 97 -26.01 -4.40 17.52
CA HIS C 97 -26.96 -5.16 16.71
C HIS C 97 -26.53 -5.08 15.25
N TRP C 98 -26.27 -6.22 14.63
CA TRP C 98 -25.83 -6.34 13.24
C TRP C 98 -27.01 -6.61 12.33
N PHE C 99 -26.95 -6.06 11.12
CA PHE C 99 -28.07 -6.14 10.17
C PHE C 99 -27.63 -6.66 8.81
N ARG C 100 -28.57 -7.26 8.10
CA ARG C 100 -28.34 -7.77 6.76
C ARG C 100 -29.61 -7.62 5.93
N THR C 101 -29.44 -7.73 4.62
CA THR C 101 -30.60 -7.68 3.73
C THR C 101 -31.51 -8.88 3.93
N ALA C 102 -32.81 -8.61 4.04
CA ALA C 102 -33.81 -9.64 4.26
C ALA C 102 -34.47 -10.04 2.94
N THR C 103 -35.31 -11.07 3.03
CA THR C 103 -36.11 -11.50 1.88
C THR C 103 -37.00 -10.37 1.37
N SER C 104 -37.77 -9.76 2.28
CA SER C 104 -38.72 -8.70 1.93
C SER C 104 -38.07 -7.53 1.21
N GLY C 105 -36.77 -7.32 1.40
CA GLY C 105 -36.08 -6.15 0.89
C GLY C 105 -35.55 -5.24 1.97
N GLY C 106 -36.06 -5.36 3.21
CA GLY C 106 -35.63 -4.51 4.30
C GLY C 106 -34.46 -5.09 5.06
N SER C 107 -33.93 -4.30 5.99
CA SER C 107 -32.84 -4.79 6.83
C SER C 107 -33.38 -5.64 7.97
N GLU C 108 -32.67 -6.72 8.26
CA GLU C 108 -33.00 -7.64 9.33
C GLU C 108 -31.84 -7.77 10.33
N HIS C 109 -32.21 -7.79 11.61
CA HIS C 109 -31.24 -8.00 12.70
C HIS C 109 -30.94 -9.49 12.82
N PHE C 110 -29.67 -9.86 12.70
CA PHE C 110 -29.30 -11.27 12.72
C PHE C 110 -28.21 -11.61 13.70
N PHE C 111 -27.51 -10.63 14.28
CA PHE C 111 -26.41 -10.92 15.17
C PHE C 111 -26.30 -9.84 16.24
N THR C 112 -25.92 -10.26 17.44
CA THR C 112 -25.73 -9.34 18.55
C THR C 112 -24.41 -9.62 19.23
N THR C 113 -23.68 -8.55 19.52
CA THR C 113 -22.47 -8.58 20.33
C THR C 113 -22.66 -7.64 21.50
N LYS C 114 -22.48 -8.17 22.72
CA LYS C 114 -22.61 -7.42 23.96
C LYS C 114 -21.28 -7.42 24.71
N LEU C 115 -20.92 -6.26 25.25
CA LEU C 115 -19.78 -6.15 26.15
C LEU C 115 -20.29 -5.74 27.53
N GLU C 116 -19.61 -6.21 28.57
CA GLU C 116 -19.98 -5.85 29.94
C GLU C 116 -18.83 -5.12 30.61
N ASP C 117 -19.15 -4.01 31.27
CA ASP C 117 -18.15 -3.15 31.88
C ASP C 117 -17.05 -2.76 30.89
N ALA C 118 -17.47 -2.04 29.86
CA ALA C 118 -16.54 -1.53 28.87
C ALA C 118 -15.85 -0.27 29.37
N ILE C 119 -14.67 -0.05 28.83
CA ILE C 119 -13.81 1.08 29.11
C ILE C 119 -13.29 1.63 27.78
N ILE C 120 -13.48 2.90 27.52
CA ILE C 120 -12.96 3.47 26.27
C ILE C 120 -11.48 3.76 26.40
N THR C 121 -10.71 3.24 25.45
CA THR C 121 -9.26 3.35 25.46
C THR C 121 -8.69 4.22 24.33
N ASN C 122 -9.49 4.55 23.31
CA ASN C 122 -8.98 5.29 22.17
C ASN C 122 -10.12 5.87 21.34
N ILE C 123 -10.00 7.14 20.97
CA ILE C 123 -10.96 7.79 20.08
C ILE C 123 -10.15 8.53 19.02
N GLU C 124 -10.35 8.16 17.77
CA GLU C 124 -9.60 8.69 16.64
C GLU C 124 -10.56 9.36 15.68
N LEU C 125 -10.36 10.65 15.45
CA LEU C 125 -11.25 11.38 14.56
C LEU C 125 -10.49 11.71 13.28
N ILE C 126 -11.08 11.34 12.15
CA ILE C 126 -10.48 11.58 10.84
C ILE C 126 -11.59 11.95 9.85
N PRO C 128 -12.29 12.82 5.83
CA PRO C 128 -11.67 12.65 4.51
C PRO C 128 -11.66 13.95 3.72
N ASN C 129 -10.82 13.98 2.69
CA ASN C 129 -10.69 15.17 1.85
C ASN C 129 -11.78 15.14 0.78
N ALA C 130 -12.65 16.15 0.80
CA ALA C 130 -13.68 16.31 -0.22
C ALA C 130 -13.03 16.75 -1.53
N GLN C 131 -12.67 15.78 -2.38
CA GLN C 131 -12.01 16.04 -3.65
C GLN C 131 -12.87 16.96 -4.52
N SER C 134 -16.13 14.55 -5.33
CA SER C 134 -16.15 13.23 -5.94
C SER C 134 -15.47 12.21 -5.03
N ASN C 135 -16.09 11.01 -4.96
CA ASN C 135 -15.56 9.83 -4.30
C ASN C 135 -15.60 9.96 -2.78
N HIS C 136 -15.90 11.16 -2.29
CA HIS C 136 -16.07 11.41 -0.86
C HIS C 136 -17.37 12.20 -0.69
N ASP C 137 -18.49 11.47 -0.69
CA ASP C 137 -19.79 12.05 -0.43
C ASP C 137 -20.35 11.52 0.89
N LYS C 138 -19.45 11.09 1.79
CA LYS C 138 -19.78 10.60 3.11
C LYS C 138 -19.01 11.40 4.15
N THR C 139 -19.22 11.07 5.41
CA THR C 139 -18.98 11.98 6.52
C THR C 139 -17.71 11.63 7.29
N GLU C 140 -17.36 12.55 8.19
CA GLU C 140 -16.32 12.36 9.18
C GLU C 140 -16.48 11.01 9.90
N LEU C 141 -15.35 10.40 10.25
CA LEU C 141 -15.34 9.10 10.94
C LEU C 141 -14.59 9.16 12.26
N LEU C 142 -15.17 8.47 13.25
CA LEU C 142 -14.74 8.48 14.64
C LEU C 142 -14.56 7.03 15.08
N LYS C 143 -13.31 6.61 15.33
CA LYS C 143 -13.04 5.26 15.82
C LYS C 143 -13.01 5.23 17.34
N VAL C 144 -13.92 4.48 17.95
CA VAL C 144 -14.01 4.34 19.40
C VAL C 144 -13.57 2.92 19.76
N SER C 145 -12.52 2.79 20.58
CA SER C 145 -12.01 1.49 20.99
C SER C 145 -12.26 1.25 22.46
N SER C 147 -11.89 -1.70 25.83
CA SER C 147 -11.74 -3.02 26.43
C SER C 147 -12.92 -3.24 27.37
N TYR C 148 -13.02 -4.45 27.89
CA TYR C 148 -14.22 -4.86 28.61
C TYR C 148 -13.87 -5.99 29.57
N ARG C 149 -14.85 -6.44 30.34
CA ARG C 149 -14.60 -7.56 31.22
C ARG C 149 -15.38 -8.82 30.85
N LYS C 150 -16.34 -8.71 29.94
CA LYS C 150 -17.09 -9.86 29.47
C LYS C 150 -17.74 -9.50 28.14
N VAL C 151 -17.76 -10.44 27.20
CA VAL C 151 -18.36 -10.27 25.89
C VAL C 151 -19.26 -11.47 25.62
N VAL C 152 -20.41 -11.23 25.00
CA VAL C 152 -21.34 -12.28 24.60
C VAL C 152 -21.60 -12.15 23.11
N TRP C 153 -21.55 -13.27 22.40
CA TRP C 153 -21.84 -13.33 20.99
C TRP C 153 -23.12 -14.11 20.74
N GLU C 154 -23.97 -13.61 19.84
CA GLU C 154 -25.28 -14.23 19.62
C GLU C 154 -25.67 -14.12 18.14
N HIS C 155 -25.90 -15.26 17.51
CA HIS C 155 -26.53 -15.30 16.19
C HIS C 155 -28.04 -15.35 16.43
N THR C 156 -28.70 -14.20 16.38
CA THR C 156 -30.13 -14.15 16.70
C THR C 156 -30.94 -14.96 15.71
N ALA C 157 -30.59 -14.89 14.43
CA ALA C 157 -31.40 -15.52 13.38
C ALA C 157 -31.31 -17.05 13.41
N ALA C 158 -30.21 -17.61 13.94
CA ALA C 158 -30.00 -19.05 13.88
C ALA C 158 -29.90 -19.74 15.22
N GLY C 159 -29.82 -19.03 16.34
CA GLY C 159 -29.94 -19.68 17.63
C GLY C 159 -28.65 -20.06 18.33
N THR C 160 -27.49 -19.64 17.83
CA THR C 160 -26.21 -19.95 18.47
C THR C 160 -25.78 -18.82 19.39
N SER C 161 -25.22 -19.20 20.53
CA SER C 161 -24.58 -18.26 21.43
C SER C 161 -23.21 -18.77 21.88
N GLY C 162 -22.39 -17.82 22.34
CA GLY C 162 -21.12 -18.11 22.98
C GLY C 162 -20.71 -16.90 23.81
N SER C 163 -19.76 -17.12 24.72
CA SER C 163 -19.38 -16.00 25.57
C SER C 163 -18.01 -16.27 26.18
N ASP C 164 -17.41 -15.21 26.73
CA ASP C 164 -16.13 -15.35 27.44
C ASP C 164 -15.91 -14.15 28.34
N ASP C 165 -15.08 -14.38 29.34
CA ASP C 165 -14.62 -13.39 30.31
C ASP C 165 -13.25 -12.83 29.94
N TRP C 166 -12.93 -11.66 30.49
CA TRP C 166 -11.63 -11.04 30.28
C TRP C 166 -11.07 -10.71 31.66
N GLU D 3 -18.32 18.62 2.30
CA GLU D 3 -18.74 19.53 3.37
C GLU D 3 -17.52 19.88 4.28
N PRO D 4 -16.82 20.95 3.90
CA PRO D 4 -15.62 21.36 4.63
C PRO D 4 -15.95 22.04 5.95
N ALA D 5 -14.94 22.08 6.82
CA ALA D 5 -15.03 22.78 8.09
C ALA D 5 -14.38 24.14 7.99
N PHE D 6 -14.75 25.04 8.90
CA PHE D 6 -14.26 26.40 8.87
C PHE D 6 -13.71 26.75 10.23
N ILE D 7 -12.48 27.26 10.27
CA ILE D 7 -11.73 27.40 11.51
C ILE D 7 -11.33 28.86 11.68
N LYS D 8 -11.53 29.38 12.88
CA LYS D 8 -11.08 30.73 13.23
C LYS D 8 -9.88 30.59 14.15
N ILE D 9 -8.80 31.33 13.85
CA ILE D 9 -7.55 31.26 14.63
C ILE D 9 -7.13 32.64 15.11
N GLU D 10 -6.93 32.76 16.42
CA GLU D 10 -6.23 33.84 17.13
C GLU D 10 -5.05 33.47 18.00
N GLY D 11 -3.94 34.17 17.72
CA GLY D 11 -2.69 34.05 18.45
C GLY D 11 -2.42 35.33 19.22
N SER D 12 -1.62 35.21 20.27
CA SER D 12 -1.39 36.33 21.16
C SER D 12 -0.56 37.47 20.55
N THR D 13 0.06 37.29 19.39
CA THR D 13 0.85 38.38 18.82
C THR D 13 0.40 38.87 17.45
N GLN D 14 -0.16 38.02 16.59
CA GLN D 14 -0.40 38.42 15.21
C GLN D 14 -1.83 38.85 14.88
N GLY D 15 -2.73 38.96 15.84
CA GLY D 15 -4.05 39.44 15.45
C GLY D 15 -4.75 38.39 14.59
N LEU D 16 -5.91 38.76 14.02
CA LEU D 16 -6.81 37.71 13.51
C LEU D 16 -6.13 36.92 12.41
N ILE D 17 -5.45 35.82 12.79
CA ILE D 17 -4.66 35.06 11.81
C ILE D 17 -5.55 34.51 10.70
N SER D 18 -6.76 34.10 11.05
CA SER D 18 -7.66 33.58 10.04
C SER D 18 -8.38 34.68 9.27
N SER D 19 -8.05 35.95 9.52
CA SER D 19 -8.76 37.07 8.90
C SER D 19 -8.71 36.97 7.39
N GLY D 20 -9.90 36.99 6.77
CA GLY D 20 -9.95 36.97 5.32
C GLY D 20 -9.38 35.72 4.68
N ALA D 21 -9.26 34.62 5.44
CA ALA D 21 -8.63 33.42 4.88
C ALA D 21 -9.43 32.84 3.74
N SER D 22 -10.76 32.94 3.79
CA SER D 22 -11.58 32.39 2.72
C SER D 22 -12.27 33.50 1.93
N THR D 23 -11.47 34.28 1.16
CA THR D 23 -11.89 35.34 0.23
C THR D 23 -11.23 35.04 -1.14
N GLU D 24 -11.65 35.70 -2.21
CA GLU D 24 -11.05 35.44 -3.53
C GLU D 24 -9.55 35.78 -3.51
N ALA D 25 -9.18 36.88 -2.87
CA ALA D 25 -7.83 37.37 -2.74
C ALA D 25 -6.99 36.36 -2.02
N SER D 26 -7.63 35.55 -1.19
CA SER D 26 -6.95 34.53 -0.44
C SER D 26 -6.92 33.21 -1.21
N ILE D 27 -8.05 32.79 -1.82
CA ILE D 27 -8.16 31.46 -2.40
C ILE D 27 -8.51 31.48 -3.88
N GLY D 28 -9.50 32.27 -4.29
CA GLY D 28 -9.79 32.36 -5.71
C GLY D 28 -11.10 31.71 -6.12
N ASN D 29 -11.12 30.92 -7.20
CA ASN D 29 -12.38 30.34 -7.68
C ASN D 29 -13.06 29.47 -6.64
N ARG D 30 -12.37 29.11 -5.56
CA ARG D 30 -12.97 28.37 -4.47
C ARG D 30 -13.58 29.29 -3.39
N TYR D 31 -13.80 30.58 -3.72
CA TYR D 31 -14.19 31.60 -2.75
C TYR D 31 -15.56 31.23 -2.23
N LYS D 32 -15.74 31.21 -0.95
CA LYS D 32 -17.06 30.83 -0.48
C LYS D 32 -17.49 31.81 0.59
N SER D 33 -18.56 32.54 0.25
CA SER D 33 -18.96 33.72 0.96
C SER D 33 -19.57 33.32 2.28
N GLY D 34 -19.66 34.29 3.16
CA GLY D 34 -20.07 33.89 4.49
C GLY D 34 -18.87 33.82 5.41
N HIS D 35 -18.18 32.67 5.40
CA HIS D 35 -17.04 32.42 6.28
C HIS D 35 -15.77 33.14 5.86
N GLU D 36 -15.84 34.45 5.60
CA GLU D 36 -14.67 35.15 5.06
C GLU D 36 -13.46 35.07 5.98
N ASP D 37 -13.66 35.18 7.30
CA ASP D 37 -12.55 35.23 8.25
C ASP D 37 -12.26 33.88 8.91
N GLU D 38 -12.47 32.78 8.18
CA GLU D 38 -12.18 31.44 8.69
C GLU D 38 -11.39 30.65 7.66
N ILE D 39 -10.48 29.82 8.13
CA ILE D 39 -9.73 28.92 7.26
C ILE D 39 -10.64 27.76 6.85
N ALA D 41 -11.01 24.16 5.99
CA ALA D 41 -10.25 22.94 6.23
C ALA D 41 -10.83 21.83 5.38
N GLN D 42 -9.99 21.21 4.56
CA GLN D 42 -10.44 20.10 3.73
C GLN D 42 -10.35 18.78 4.48
N GLU D 43 -9.44 18.68 5.46
CA GLU D 43 -9.28 17.50 6.29
C GLU D 43 -9.02 17.94 7.72
N VAL D 44 -9.29 17.03 8.64
CA VAL D 44 -8.94 17.20 10.04
C VAL D 44 -8.66 15.81 10.62
N SER D 45 -7.71 15.74 11.55
CA SER D 45 -7.41 14.48 12.25
C SER D 45 -7.02 14.77 13.69
N HIS D 46 -7.42 13.87 14.58
CA HIS D 46 -7.22 14.08 16.01
C HIS D 46 -7.42 12.77 16.76
N ILE D 47 -6.54 12.51 17.73
CA ILE D 47 -6.53 11.28 18.52
C ILE D 47 -6.42 11.64 20.01
N VAL D 48 -7.16 10.92 20.85
CA VAL D 48 -6.97 10.94 22.30
C VAL D 48 -6.97 9.49 22.79
N THR D 49 -6.06 9.16 23.71
CA THR D 49 -5.74 7.78 24.03
C THR D 49 -5.47 7.57 25.51
N VAL D 50 -5.66 6.33 25.96
CA VAL D 50 -5.28 5.85 27.29
C VAL D 50 -4.28 4.70 27.13
N PRO D 51 -3.16 4.80 27.85
CA PRO D 51 -2.13 3.77 27.80
C PRO D 51 -2.66 2.39 28.20
N VAL D 52 -2.25 1.34 27.47
CA VAL D 52 -3.00 0.07 27.41
C VAL D 52 -2.70 -0.98 28.48
N ASP D 53 -1.52 -1.61 28.43
CA ASP D 53 -1.25 -2.93 29.05
C ASP D 53 -2.03 -4.13 28.48
N GLN D 54 -1.63 -4.67 27.32
CA GLN D 54 -2.47 -5.58 26.52
C GLN D 54 -2.84 -6.90 27.23
N GLN D 55 -1.85 -7.65 27.74
CA GLN D 55 -2.16 -8.91 28.41
C GLN D 55 -2.50 -8.65 29.88
N SER D 56 -3.65 -9.19 30.34
CA SER D 56 -4.28 -8.80 31.61
C SER D 56 -4.72 -7.33 31.57
N GLY D 57 -5.38 -6.97 30.47
CA GLY D 57 -5.50 -5.59 29.96
C GLY D 57 -6.45 -4.69 30.73
N GLN D 58 -6.73 -3.52 30.11
CA GLN D 58 -7.49 -2.39 30.68
C GLN D 58 -6.76 -1.55 31.75
N PRO D 59 -6.08 -0.48 31.29
CA PRO D 59 -5.82 0.75 32.07
C PRO D 59 -4.46 0.98 32.73
N SER D 60 -3.44 1.09 31.91
CA SER D 60 -2.06 1.29 32.42
C SER D 60 -1.68 2.76 32.52
N GLY D 61 -2.59 3.72 32.52
CA GLY D 61 -2.04 5.10 32.61
C GLY D 61 -3.05 6.23 32.56
N GLN D 62 -2.51 7.41 32.32
CA GLN D 62 -3.31 8.66 32.31
C GLN D 62 -3.60 9.08 30.88
N ARG D 63 -4.79 9.58 30.62
CA ARG D 63 -5.15 10.06 29.27
C ARG D 63 -3.94 10.71 28.61
N VAL D 64 -3.77 10.47 27.32
CA VAL D 64 -2.81 11.19 26.48
C VAL D 64 -3.53 11.85 25.31
N HIS D 65 -3.43 13.17 25.24
CA HIS D 65 -3.85 13.94 24.07
C HIS D 65 -2.75 13.98 23.02
N LYS D 66 -3.14 13.83 21.75
CA LYS D 66 -2.27 13.92 20.59
C LYS D 66 -2.64 15.15 19.78
N PRO D 67 -1.78 15.59 18.86
CA PRO D 67 -2.05 16.87 18.19
C PRO D 67 -3.33 16.84 17.38
N PHE D 68 -4.04 17.96 17.42
CA PHE D 68 -5.16 18.22 16.53
C PHE D 68 -4.63 18.86 15.27
N SER D 69 -5.07 18.39 14.10
CA SER D 69 -4.52 18.86 12.85
C SER D 69 -5.63 19.12 11.83
N PHE D 70 -5.40 20.11 10.96
CA PHE D 70 -6.28 20.38 9.83
C PHE D 70 -5.47 20.61 8.57
N THR D 71 -6.13 20.40 7.43
CA THR D 71 -5.53 20.56 6.11
C THR D 71 -6.30 21.62 5.32
N CYS D 72 -5.55 22.59 4.79
CA CYS D 72 -6.11 23.64 3.93
C CYS D 72 -5.21 23.84 2.72
N SER D 73 -5.50 24.85 1.92
CA SER D 73 -4.69 25.23 0.78
C SER D 73 -3.89 26.49 1.11
N LEU D 74 -3.16 26.98 0.12
CA LEU D 74 -2.34 28.18 0.30
C LEU D 74 -3.27 29.39 0.32
N ASN D 75 -3.64 29.83 1.51
CA ASN D 75 -4.51 30.98 1.70
C ASN D 75 -3.73 32.06 2.44
N LYS D 76 -4.39 33.21 2.63
CA LYS D 76 -3.68 34.38 3.15
C LYS D 76 -3.16 34.17 4.57
N SER D 77 -3.70 33.19 5.31
CA SER D 77 -3.25 32.95 6.68
C SER D 77 -1.98 32.11 6.74
N VAL D 78 -1.60 31.43 5.66
CA VAL D 78 -0.45 30.51 5.70
C VAL D 78 0.85 31.18 6.17
N PRO D 79 1.26 32.34 5.62
CA PRO D 79 2.49 32.97 6.13
C PRO D 79 2.37 33.32 7.60
N LEU D 80 1.13 33.63 8.00
CA LEU D 80 0.83 33.93 9.42
C LEU D 80 0.99 32.64 10.22
N LEU D 81 0.54 31.51 9.69
CA LEU D 81 0.70 30.24 10.40
C LEU D 81 2.17 29.84 10.52
N TYR D 82 2.95 30.03 9.45
CA TYR D 82 4.39 29.78 9.52
C TYR D 82 5.04 30.66 10.56
N ASN D 83 4.61 31.92 10.63
CA ASN D 83 5.07 32.81 11.69
C ASN D 83 4.73 32.26 13.06
N ALA D 84 3.49 31.76 13.21
CA ALA D 84 3.05 31.20 14.49
C ALA D 84 3.87 29.96 14.84
N LEU D 85 4.04 29.05 13.87
CA LEU D 85 4.87 27.87 14.07
C LEU D 85 6.28 28.24 14.51
N THR D 86 6.91 29.15 13.76
CA THR D 86 8.32 29.45 13.93
C THR D 86 8.60 30.19 15.23
N LYS D 87 7.67 31.03 15.67
CA LYS D 87 7.91 31.87 16.82
C LYS D 87 7.35 31.29 18.11
N GLY D 88 6.67 30.15 18.04
CA GLY D 88 6.08 29.55 19.22
C GLY D 88 4.93 30.35 19.78
N GLU D 89 4.22 31.07 18.93
CA GLU D 89 3.13 31.95 19.35
C GLU D 89 1.98 31.14 19.96
N ARG D 90 1.57 31.50 21.18
CA ARG D 90 0.43 30.83 21.79
C ARG D 90 -0.84 31.39 21.17
N LEU D 91 -1.75 30.50 20.81
CA LEU D 91 -2.99 30.87 20.14
C LEU D 91 -4.11 30.71 21.15
N PRO D 92 -4.64 31.79 21.72
CA PRO D 92 -5.63 31.62 22.80
C PRO D 92 -6.86 30.83 22.40
N THR D 93 -7.34 30.96 21.16
CA THR D 93 -8.50 30.21 20.74
C THR D 93 -8.33 29.72 19.30
N VAL D 94 -8.65 28.45 19.09
CA VAL D 94 -8.87 27.87 17.76
C VAL D 94 -10.24 27.23 17.78
N GLU D 95 -11.11 27.63 16.85
CA GLU D 95 -12.50 27.18 16.88
C GLU D 95 -12.92 26.60 15.54
N VAL D 96 -13.31 25.33 15.55
CA VAL D 96 -13.71 24.58 14.36
C VAL D 96 -15.22 24.44 14.34
N HIS D 97 -15.83 24.79 13.21
CA HIS D 97 -17.26 24.62 12.97
C HIS D 97 -17.45 23.57 11.89
N TRP D 98 -18.20 22.52 12.22
CA TRP D 98 -18.47 21.41 11.32
C TRP D 98 -19.83 21.60 10.64
N PHE D 99 -19.92 21.20 9.38
CA PHE D 99 -21.11 21.45 8.59
C PHE D 99 -21.63 20.16 7.95
N ARG D 100 -22.93 20.12 7.70
CA ARG D 100 -23.57 18.93 7.16
C ARG D 100 -24.74 19.34 6.25
N THR D 101 -25.21 18.37 5.47
CA THR D 101 -26.36 18.59 4.60
C THR D 101 -27.61 18.86 5.42
N ALA D 102 -28.30 19.96 5.09
CA ALA D 102 -29.51 20.37 5.80
C ALA D 102 -30.79 20.02 5.03
N THR D 103 -31.92 20.21 5.72
CA THR D 103 -33.23 20.06 5.12
C THR D 103 -33.42 21.05 3.97
N SER D 104 -33.06 22.32 4.21
CA SER D 104 -33.29 23.38 3.23
C SER D 104 -32.58 23.11 1.91
N GLY D 105 -31.47 22.37 1.94
CA GLY D 105 -30.60 22.19 0.81
C GLY D 105 -29.23 22.79 1.05
N GLY D 106 -29.11 23.68 2.03
CA GLY D 106 -27.88 24.35 2.37
C GLY D 106 -27.12 23.61 3.46
N SER D 107 -26.10 24.28 3.95
CA SER D 107 -25.23 23.72 5.02
C SER D 107 -25.73 24.18 6.38
N GLU D 108 -25.63 23.32 7.38
CA GLU D 108 -26.07 23.58 8.76
C GLU D 108 -24.87 23.41 9.69
N HIS D 109 -24.58 24.37 10.55
CA HIS D 109 -23.48 24.22 11.53
C HIS D 109 -24.04 23.39 12.67
N PHE D 110 -23.46 22.26 12.98
CA PHE D 110 -24.04 21.36 13.96
C PHE D 110 -23.05 20.91 15.04
N PHE D 111 -21.76 21.18 14.88
CA PHE D 111 -20.73 20.71 15.81
C PHE D 111 -19.63 21.75 15.90
N THR D 112 -19.06 21.89 17.10
CA THR D 112 -17.93 22.79 17.32
C THR D 112 -16.87 22.12 18.17
N THR D 113 -15.62 22.30 17.76
CA THR D 113 -14.44 21.86 18.49
C THR D 113 -13.62 23.12 18.80
N LYS D 114 -13.37 23.38 20.08
CA LYS D 114 -12.63 24.57 20.51
C LYS D 114 -11.31 24.15 21.16
N LEU D 115 -10.25 24.86 20.81
CA LEU D 115 -8.98 24.72 21.51
C LEU D 115 -8.65 26.03 22.23
N GLU D 116 -8.02 25.90 23.39
CA GLU D 116 -7.60 27.02 24.20
C GLU D 116 -6.11 26.95 24.37
N ASP D 117 -5.43 28.07 24.14
CA ASP D 117 -3.96 28.14 24.11
C ASP D 117 -3.37 27.05 23.22
N ALA D 118 -3.71 27.16 21.93
CA ALA D 118 -3.14 26.24 20.95
C ALA D 118 -1.73 26.67 20.57
N ILE D 119 -0.91 25.70 20.15
CA ILE D 119 0.43 25.94 19.64
C ILE D 119 0.65 25.08 18.41
N ILE D 120 1.13 25.69 17.32
CA ILE D 120 1.39 24.93 16.09
C ILE D 120 2.67 24.11 16.24
N THR D 121 2.56 22.82 15.91
CA THR D 121 3.62 21.84 16.07
C THR D 121 4.20 21.35 14.75
N ASN D 122 3.48 21.53 13.64
CA ASN D 122 3.91 20.96 12.38
C ASN D 122 3.14 21.56 11.22
N ILE D 123 3.86 21.93 10.15
CA ILE D 123 3.25 22.36 8.90
C ILE D 123 3.90 21.58 7.77
N GLU D 124 3.10 20.80 7.07
CA GLU D 124 3.58 19.98 5.97
C GLU D 124 2.83 20.40 4.72
N LEU D 125 3.58 20.86 3.73
CA LEU D 125 3.05 21.31 2.45
C LEU D 125 3.35 20.29 1.36
N ILE D 126 2.31 19.89 0.64
CA ILE D 126 2.44 18.90 -0.43
C ILE D 126 1.60 19.33 -1.62
N PRO D 128 0.36 17.91 -5.27
CA PRO D 128 0.32 16.69 -6.09
C PRO D 128 0.65 16.97 -7.55
N ASN D 129 1.01 15.89 -8.25
CA ASN D 129 1.40 16.00 -9.64
C ASN D 129 0.20 16.41 -10.49
N ALA D 130 0.48 17.29 -11.47
CA ALA D 130 -0.50 17.67 -12.49
C ALA D 130 -0.70 16.49 -13.44
N GLN D 131 -1.41 15.48 -12.96
CA GLN D 131 -1.67 14.27 -13.73
C GLN D 131 -2.77 13.44 -13.09
N SER D 134 -6.09 12.90 -15.20
CA SER D 134 -5.75 14.23 -14.69
C SER D 134 -6.17 14.43 -13.23
N ASN D 135 -5.90 15.63 -12.73
CA ASN D 135 -6.44 16.14 -11.46
C ASN D 135 -6.93 17.55 -11.74
N HIS D 136 -8.15 17.65 -12.28
CA HIS D 136 -8.65 18.94 -12.74
C HIS D 136 -9.04 19.85 -11.58
N ASP D 137 -9.23 19.29 -10.39
CA ASP D 137 -9.65 20.07 -9.24
C ASP D 137 -8.73 19.94 -8.04
N LYS D 138 -7.70 19.10 -8.08
CA LYS D 138 -6.80 19.00 -6.94
C LYS D 138 -6.00 20.29 -6.79
N THR D 139 -5.48 20.50 -5.59
CA THR D 139 -4.72 21.70 -5.27
C THR D 139 -3.73 21.39 -4.16
N GLU D 140 -2.78 22.29 -3.98
CA GLU D 140 -1.86 22.26 -2.85
C GLU D 140 -2.60 22.07 -1.52
N LEU D 141 -1.98 21.31 -0.61
CA LEU D 141 -2.51 21.02 0.72
C LEU D 141 -1.50 21.38 1.80
N LEU D 142 -2.02 21.90 2.91
CA LEU D 142 -1.21 22.32 4.06
C LEU D 142 -1.76 21.65 5.32
N LYS D 143 -1.03 20.70 5.89
CA LYS D 143 -1.44 20.06 7.15
C LYS D 143 -0.82 20.83 8.31
N VAL D 144 -1.66 21.44 9.15
CA VAL D 144 -1.21 22.18 10.32
C VAL D 144 -1.61 21.37 11.55
N SER D 145 -0.64 21.02 12.38
CA SER D 145 -0.88 20.24 13.58
C SER D 145 -0.67 21.09 14.82
N SER D 147 -0.78 21.49 19.16
CA SER D 147 -0.99 21.16 20.56
C SER D 147 -1.87 22.23 21.21
N TYR D 148 -2.36 21.95 22.42
CA TYR D 148 -3.27 22.88 23.08
C TYR D 148 -3.28 22.59 24.57
N ARG D 149 -3.98 23.44 25.30
CA ARG D 149 -4.09 23.26 26.74
C ARG D 149 -5.47 22.78 27.17
N LYS D 150 -6.48 22.95 26.32
CA LYS D 150 -7.81 22.47 26.65
C LYS D 150 -8.61 22.38 25.37
N VAL D 151 -9.46 21.35 25.29
CA VAL D 151 -10.31 21.13 24.14
C VAL D 151 -11.74 21.00 24.63
N VAL D 152 -12.67 21.62 23.90
CA VAL D 152 -14.08 21.55 24.19
C VAL D 152 -14.77 21.00 22.95
N TRP D 153 -15.66 20.02 23.14
CA TRP D 153 -16.48 19.45 22.08
C TRP D 153 -17.94 19.83 22.32
N GLU D 154 -18.62 20.27 21.26
CA GLU D 154 -20.02 20.72 21.39
C GLU D 154 -20.83 20.26 20.19
N HIS D 155 -21.86 19.46 20.44
CA HIS D 155 -22.83 19.19 19.38
C HIS D 155 -23.86 20.31 19.47
N THR D 156 -23.64 21.35 18.67
CA THR D 156 -24.49 22.52 18.80
C THR D 156 -25.96 22.20 18.51
N ALA D 157 -26.23 21.41 17.46
CA ALA D 157 -27.62 21.24 17.07
C ALA D 157 -28.40 20.43 18.10
N ALA D 158 -27.74 19.52 18.80
CA ALA D 158 -28.40 18.62 19.73
C ALA D 158 -28.04 18.89 21.20
N GLY D 159 -27.11 19.80 21.47
CA GLY D 159 -26.72 20.10 22.83
C GLY D 159 -25.40 19.41 23.18
N THR D 160 -25.35 18.77 24.35
CA THR D 160 -24.21 17.88 24.67
C THR D 160 -22.80 18.49 24.60
N SER D 161 -22.29 19.02 25.69
CA SER D 161 -20.90 19.42 25.71
C SER D 161 -19.99 18.40 26.40
N GLY D 162 -18.70 18.52 26.09
CA GLY D 162 -17.67 17.81 26.80
C GLY D 162 -16.37 18.56 26.62
N SER D 163 -15.45 18.33 27.56
CA SER D 163 -14.18 19.05 27.51
C SER D 163 -13.17 18.30 28.37
N ASP D 164 -11.90 18.63 28.14
CA ASP D 164 -10.82 18.05 28.90
C ASP D 164 -9.61 18.93 28.67
N ASP D 165 -8.71 18.94 29.65
CA ASP D 165 -7.42 19.60 29.51
C ASP D 165 -6.38 18.56 29.09
N TRP D 166 -5.35 19.04 28.38
CA TRP D 166 -4.30 18.20 27.74
C TRP D 166 -3.47 17.51 28.84
N ALA E 2 -4.55 20.58 -10.77
CA ALA E 2 -3.56 21.38 -10.06
C ALA E 2 -2.63 22.13 -11.01
N GLU E 3 -2.27 23.50 -10.75
CA GLU E 3 -1.45 24.06 -11.83
C GLU E 3 0.02 23.96 -11.42
N PRO E 4 0.93 23.78 -12.37
CA PRO E 4 2.36 23.70 -12.02
C PRO E 4 2.94 25.05 -11.63
N ALA E 5 3.99 24.98 -10.82
CA ALA E 5 4.75 26.14 -10.37
C ALA E 5 6.01 26.33 -11.20
N PHE E 6 6.56 27.54 -11.13
CA PHE E 6 7.74 27.90 -11.90
C PHE E 6 8.79 28.49 -10.96
N ILE E 7 10.02 28.01 -11.07
CA ILE E 7 11.07 28.32 -10.13
C ILE E 7 12.23 28.96 -10.88
N LYS E 8 12.65 30.13 -10.41
CA LYS E 8 13.84 30.81 -10.89
C LYS E 8 14.96 30.52 -9.92
N ILE E 9 16.00 29.82 -10.39
CA ILE E 9 17.11 29.42 -9.56
C ILE E 9 18.37 30.15 -10.02
N GLU E 10 19.03 30.85 -9.09
CA GLU E 10 20.27 31.56 -9.36
C GLU E 10 21.39 30.93 -8.52
N GLY E 11 22.48 30.56 -9.19
CA GLY E 11 23.61 29.91 -8.54
C GLY E 11 24.82 30.83 -8.47
N SER E 12 25.64 30.64 -7.43
CA SER E 12 26.81 31.48 -7.21
C SER E 12 27.96 31.18 -8.17
N THR E 13 27.91 30.07 -8.89
CA THR E 13 28.94 29.71 -9.85
C THR E 13 28.42 29.60 -11.27
N GLN E 14 27.23 29.06 -11.45
CA GLN E 14 26.71 28.81 -12.78
C GLN E 14 25.65 29.83 -13.18
N GLY E 15 25.43 30.86 -12.37
CA GLY E 15 24.48 31.91 -12.73
C GLY E 15 23.03 31.44 -12.74
N LEU E 16 22.28 31.93 -13.72
CA LEU E 16 20.85 31.63 -13.86
C LEU E 16 20.68 30.18 -14.28
N ILE E 17 20.59 29.27 -13.30
CA ILE E 17 20.51 27.84 -13.61
C ILE E 17 19.24 27.54 -14.38
N SER E 18 18.17 28.23 -14.07
CA SER E 18 16.89 27.99 -14.69
C SER E 18 16.78 28.61 -16.08
N SER E 19 17.85 29.21 -16.59
CA SER E 19 17.78 29.91 -17.87
C SER E 19 17.33 28.97 -18.97
N GLY E 20 16.28 29.38 -19.67
CA GLY E 20 15.76 28.59 -20.78
C GLY E 20 15.22 27.24 -20.40
N ALA E 21 14.94 27.00 -19.12
CA ALA E 21 14.50 25.69 -18.67
C ALA E 21 13.16 25.29 -19.24
N SER E 22 12.26 26.27 -19.46
CA SER E 22 10.91 25.95 -19.91
C SER E 22 10.64 26.39 -21.35
N THR E 23 11.60 26.12 -22.23
CA THR E 23 11.49 26.47 -23.64
C THR E 23 11.29 25.21 -24.45
N GLU E 24 11.06 25.43 -25.74
CA GLU E 24 10.79 24.30 -26.64
C GLU E 24 11.91 23.28 -26.65
N ALA E 25 13.14 23.76 -26.78
CA ALA E 25 14.28 22.85 -26.80
C ALA E 25 14.45 22.10 -25.49
N SER E 26 13.99 22.67 -24.38
CA SER E 26 14.25 22.06 -23.09
C SER E 26 13.21 21.04 -22.67
N ILE E 27 11.92 21.33 -22.83
CA ILE E 27 10.87 20.47 -22.30
C ILE E 27 9.92 19.93 -23.37
N GLY E 28 10.00 20.40 -24.61
CA GLY E 28 9.28 19.75 -25.69
C GLY E 28 7.87 20.26 -25.86
N ASN E 29 6.91 19.36 -26.12
CA ASN E 29 5.52 19.80 -26.27
C ASN E 29 4.93 20.39 -24.99
N ARG E 30 5.52 20.13 -23.82
CA ARG E 30 5.08 20.78 -22.60
C ARG E 30 5.62 22.20 -22.47
N TYR E 31 6.15 22.75 -23.56
CA TYR E 31 6.63 24.12 -23.56
C TYR E 31 5.47 25.09 -23.43
N LYS E 32 5.54 25.96 -22.42
CA LYS E 32 4.56 27.02 -22.21
C LYS E 32 5.33 28.34 -22.18
N SER E 33 5.06 29.19 -23.16
CA SER E 33 5.75 30.48 -23.23
C SER E 33 5.29 31.41 -22.12
N GLY E 34 6.26 32.01 -21.44
CA GLY E 34 5.98 32.96 -20.38
C GLY E 34 7.00 32.88 -19.26
N HIS E 35 7.38 31.66 -18.88
CA HIS E 35 8.36 31.42 -17.83
C HIS E 35 9.63 30.78 -18.39
N GLU E 36 10.12 31.29 -19.53
CA GLU E 36 11.21 30.61 -20.22
C GLU E 36 12.40 30.38 -19.31
N ASP E 37 12.70 31.33 -18.42
CA ASP E 37 13.86 31.19 -17.56
C ASP E 37 13.51 30.63 -16.17
N GLU E 38 12.48 29.80 -16.10
CA GLU E 38 12.10 29.13 -14.85
C GLU E 38 11.79 27.66 -15.13
N ILE E 39 12.14 26.82 -14.17
CA ILE E 39 11.83 25.39 -14.24
C ILE E 39 10.35 25.18 -13.95
N ALA E 41 7.68 23.09 -12.28
CA ALA E 41 7.59 22.09 -11.21
C ALA E 41 6.20 21.47 -11.19
N GLN E 42 6.15 20.13 -11.29
CA GLN E 42 4.89 19.39 -11.20
C GLN E 42 4.49 19.01 -9.78
N GLU E 43 5.44 18.91 -8.86
CA GLU E 43 5.17 18.61 -7.46
C GLU E 43 6.06 19.50 -6.59
N VAL E 44 5.63 19.70 -5.34
CA VAL E 44 6.42 20.40 -4.32
C VAL E 44 6.09 19.78 -2.97
N SER E 45 7.09 19.63 -2.11
CA SER E 45 6.82 19.20 -0.75
C SER E 45 7.80 19.90 0.18
N HIS E 46 7.33 20.21 1.38
CA HIS E 46 8.14 20.94 2.32
C HIS E 46 7.55 20.80 3.72
N ILE E 47 8.42 20.57 4.70
CA ILE E 47 8.02 20.37 6.09
C ILE E 47 8.88 21.25 6.99
N VAL E 48 8.23 21.89 7.97
CA VAL E 48 8.90 22.51 9.10
C VAL E 48 8.19 22.04 10.36
N THR E 49 8.97 21.67 11.38
CA THR E 49 8.47 20.93 12.53
C THR E 49 9.18 21.41 13.78
N VAL E 50 8.54 21.19 14.93
CA VAL E 50 9.19 21.41 16.22
C VAL E 50 9.13 20.13 17.04
N PRO E 51 10.11 19.84 17.91
CA PRO E 51 10.07 18.75 18.90
C PRO E 51 8.75 18.66 19.68
N ARG E 63 12.67 25.04 16.79
CA ARG E 63 12.23 24.82 15.42
C ARG E 63 13.21 23.94 14.63
N VAL E 64 12.71 23.23 13.63
CA VAL E 64 13.55 22.45 12.72
C VAL E 64 12.99 22.63 11.32
N HIS E 65 13.79 23.20 10.42
CA HIS E 65 13.46 23.23 9.01
C HIS E 65 13.91 21.93 8.35
N LYS E 66 13.12 21.44 7.42
CA LYS E 66 13.48 20.30 6.62
C LYS E 66 13.63 20.73 5.16
N PRO E 67 14.27 19.91 4.32
CA PRO E 67 14.53 20.37 2.94
C PRO E 67 13.26 20.69 2.17
N PHE E 68 13.36 21.76 1.38
CA PHE E 68 12.34 22.12 0.40
C PHE E 68 12.64 21.34 -0.86
N SER E 69 11.60 20.77 -1.47
CA SER E 69 11.84 19.96 -2.66
C SER E 69 10.79 20.27 -3.72
N PHE E 70 11.19 20.15 -5.00
CA PHE E 70 10.28 20.26 -6.13
C PHE E 70 10.59 19.13 -7.11
N THR E 71 9.60 18.80 -7.94
CA THR E 71 9.74 17.74 -8.91
C THR E 71 9.53 18.27 -10.32
N CYS E 72 10.46 17.97 -11.21
CA CYS E 72 10.37 18.37 -12.61
C CYS E 72 10.72 17.20 -13.51
N SER E 73 10.84 17.47 -14.80
CA SER E 73 11.23 16.50 -15.80
C SER E 73 12.70 16.71 -16.20
N LEU E 74 13.17 15.95 -17.19
CA LEU E 74 14.53 16.14 -17.70
C LEU E 74 14.54 17.39 -18.57
N ASN E 75 14.90 18.51 -17.96
CA ASN E 75 14.99 19.78 -18.66
C ASN E 75 16.43 20.26 -18.64
N LYS E 76 16.65 21.37 -19.36
CA LYS E 76 17.99 21.82 -19.68
C LYS E 76 18.81 22.15 -18.43
N SER E 77 18.15 22.44 -17.30
CA SER E 77 18.90 22.76 -16.09
C SER E 77 19.35 21.52 -15.32
N VAL E 78 18.78 20.35 -15.62
CA VAL E 78 19.12 19.15 -14.84
C VAL E 78 20.62 18.89 -14.82
N PRO E 79 21.35 18.93 -15.96
CA PRO E 79 22.80 18.73 -15.89
C PRO E 79 23.49 19.75 -15.00
N LEU E 80 23.00 20.99 -15.03
CA LEU E 80 23.53 22.01 -14.14
C LEU E 80 23.19 21.71 -12.70
N LEU E 81 21.97 21.20 -12.45
CA LEU E 81 21.54 20.90 -11.09
C LEU E 81 22.41 19.83 -10.46
N TYR E 82 22.78 18.81 -11.24
CA TYR E 82 23.73 17.81 -10.75
C TYR E 82 25.08 18.44 -10.41
N ASN E 83 25.54 19.40 -11.22
CA ASN E 83 26.76 20.12 -10.88
C ASN E 83 26.62 20.82 -9.54
N ALA E 84 25.49 21.49 -9.32
CA ALA E 84 25.26 22.18 -8.05
C ALA E 84 25.26 21.20 -6.88
N LEU E 85 24.54 20.08 -7.04
CA LEU E 85 24.54 19.05 -6.02
C LEU E 85 25.96 18.55 -5.76
N THR E 86 26.67 18.15 -6.83
CA THR E 86 27.95 17.44 -6.66
C THR E 86 29.07 18.32 -6.14
N LYS E 87 29.06 19.63 -6.42
CA LYS E 87 30.08 20.54 -5.91
C LYS E 87 29.65 21.34 -4.68
N GLY E 88 28.39 21.22 -4.25
CA GLY E 88 27.95 22.01 -3.11
C GLY E 88 27.80 23.48 -3.42
N GLU E 89 27.40 23.81 -4.64
CA GLU E 89 27.24 25.20 -5.04
C GLU E 89 26.11 25.85 -4.25
N ARG E 90 26.41 26.96 -3.59
CA ARG E 90 25.36 27.68 -2.89
C ARG E 90 24.58 28.50 -3.90
N LEU E 91 23.25 28.41 -3.81
CA LEU E 91 22.38 29.08 -4.76
C LEU E 91 21.77 30.27 -4.03
N PRO E 92 22.24 31.50 -4.30
CA PRO E 92 21.85 32.66 -3.48
C PRO E 92 20.36 32.88 -3.37
N THR E 93 19.58 32.62 -4.43
CA THR E 93 18.12 32.76 -4.36
C THR E 93 17.46 31.64 -5.14
N VAL E 94 16.44 31.04 -4.53
CA VAL E 94 15.51 30.14 -5.18
C VAL E 94 14.11 30.70 -4.99
N GLU E 95 13.40 30.94 -6.08
CA GLU E 95 12.10 31.58 -6.03
C GLU E 95 11.05 30.75 -6.76
N VAL E 96 10.03 30.33 -6.01
CA VAL E 96 8.90 29.56 -6.53
C VAL E 96 7.70 30.47 -6.66
N HIS E 97 7.06 30.46 -7.83
CA HIS E 97 5.85 31.20 -8.05
C HIS E 97 4.71 30.20 -8.24
N TRP E 98 3.70 30.28 -7.36
CA TRP E 98 2.57 29.36 -7.40
C TRP E 98 1.42 30.00 -8.16
N PHE E 99 0.67 29.16 -8.87
CA PHE E 99 -0.37 29.65 -9.77
C PHE E 99 -1.69 28.94 -9.49
N ARG E 100 -2.79 29.64 -9.81
CA ARG E 100 -4.14 29.13 -9.62
C ARG E 100 -5.03 29.68 -10.72
N THR E 101 -6.17 29.03 -10.93
CA THR E 101 -7.18 29.52 -11.86
C THR E 101 -7.87 30.77 -11.31
N ALA E 102 -8.00 31.78 -12.17
CA ALA E 102 -8.54 33.07 -11.81
C ALA E 102 -10.02 33.17 -12.19
N THR E 103 -10.60 34.33 -11.89
CA THR E 103 -11.99 34.63 -12.26
C THR E 103 -12.23 34.42 -13.75
N SER E 104 -11.27 34.80 -14.58
CA SER E 104 -11.41 34.67 -16.01
C SER E 104 -10.99 33.30 -16.47
N GLY E 105 -10.03 33.23 -17.38
CA GLY E 105 -9.64 31.93 -17.91
C GLY E 105 -8.19 31.51 -17.68
N GLY E 106 -7.27 32.46 -17.44
CA GLY E 106 -5.88 32.11 -17.24
C GLY E 106 -5.54 31.85 -15.80
N SER E 107 -4.36 31.28 -15.59
CA SER E 107 -3.86 31.04 -14.25
C SER E 107 -3.34 32.34 -13.67
N GLU E 108 -3.51 32.55 -12.36
CA GLU E 108 -2.96 33.80 -11.89
C GLU E 108 -1.89 33.46 -10.85
N HIS E 109 -0.81 34.23 -10.84
CA HIS E 109 0.22 34.09 -9.83
C HIS E 109 -0.28 34.72 -8.53
N PHE E 110 -0.30 33.91 -7.46
CA PHE E 110 -0.83 34.34 -6.17
C PHE E 110 0.08 34.06 -4.99
N PHE E 111 1.12 33.25 -5.13
CA PHE E 111 1.98 32.90 -4.02
C PHE E 111 3.41 32.73 -4.52
N THR E 112 4.34 33.14 -3.68
CA THR E 112 5.78 33.01 -3.85
C THR E 112 6.47 32.53 -2.58
N THR E 113 7.39 31.60 -2.80
CA THR E 113 8.26 31.08 -1.77
C THR E 113 9.69 31.41 -2.19
N LYS E 114 10.45 32.02 -1.30
CA LYS E 114 11.79 32.47 -1.60
C LYS E 114 12.76 31.89 -0.58
N LEU E 115 13.82 31.27 -1.08
CA LEU E 115 14.88 30.68 -0.27
C LEU E 115 16.17 31.46 -0.51
N GLU E 116 17.00 31.56 0.53
CA GLU E 116 18.26 32.27 0.43
C GLU E 116 19.44 31.33 0.68
N ASP E 117 20.38 31.35 -0.29
CA ASP E 117 21.56 30.49 -0.38
C ASP E 117 21.20 29.05 -0.06
N ALA E 118 20.39 28.46 -0.93
CA ALA E 118 20.03 27.06 -0.80
C ALA E 118 21.20 26.17 -1.25
N ILE E 119 21.19 24.93 -0.76
CA ILE E 119 22.17 23.92 -1.14
C ILE E 119 21.40 22.66 -1.48
N ILE E 120 21.66 22.11 -2.67
CA ILE E 120 20.96 20.89 -3.07
C ILE E 120 21.53 19.72 -2.29
N THR E 121 20.64 18.95 -1.68
CA THR E 121 21.02 17.86 -0.81
C THR E 121 20.70 16.49 -1.39
N ASN E 122 19.86 16.44 -2.42
CA ASN E 122 19.39 15.17 -2.96
C ASN E 122 18.77 15.42 -4.32
N ILE E 123 19.08 14.56 -5.29
CA ILE E 123 18.40 14.57 -6.58
C ILE E 123 18.00 13.14 -6.90
N GLU E 124 16.70 12.90 -7.01
CA GLU E 124 16.19 11.56 -7.25
C GLU E 124 15.44 11.54 -8.57
N LEU E 125 15.92 10.70 -9.49
CA LEU E 125 15.35 10.55 -10.83
C LEU E 125 14.61 9.23 -10.91
N ILE E 126 13.39 9.29 -11.42
CA ILE E 126 12.53 8.11 -11.54
C ILE E 126 11.81 8.21 -12.87
N PRO E 128 8.70 6.28 -14.80
CA PRO E 128 7.67 5.24 -14.86
C PRO E 128 7.44 4.76 -16.29
N ASN E 129 6.74 3.64 -16.41
CA ASN E 129 6.26 3.19 -17.73
C ASN E 129 4.74 3.25 -17.77
N HIS E 136 0.37 3.35 -18.47
CA HIS E 136 -0.55 4.49 -18.48
C HIS E 136 0.00 5.67 -17.66
N ASP E 137 1.06 6.32 -18.15
CA ASP E 137 1.70 7.43 -17.45
C ASP E 137 2.25 8.42 -18.48
N LYS E 138 3.07 9.38 -18.02
CA LYS E 138 3.68 10.40 -18.88
C LYS E 138 4.85 11.17 -18.23
N THR E 139 6.03 11.21 -18.89
CA THR E 139 7.15 12.11 -18.52
C THR E 139 7.88 11.87 -17.19
N GLU E 140 9.02 11.17 -17.25
CA GLU E 140 9.94 10.95 -16.14
C GLU E 140 10.05 12.13 -15.16
N LEU E 141 10.29 11.82 -13.89
CA LEU E 141 10.30 12.82 -12.83
C LEU E 141 11.63 12.87 -12.08
N LEU E 142 12.03 14.09 -11.72
CA LEU E 142 13.28 14.33 -11.00
C LEU E 142 12.99 15.19 -9.78
N LYS E 143 13.15 14.59 -8.59
CA LYS E 143 12.94 15.25 -7.31
C LYS E 143 14.21 15.93 -6.82
N VAL E 144 14.15 17.25 -6.70
CA VAL E 144 15.28 18.05 -6.22
C VAL E 144 14.95 18.56 -4.84
N SER E 145 15.77 18.20 -3.87
CA SER E 145 15.62 18.58 -2.47
C SER E 145 16.73 19.56 -2.10
N SER E 147 18.32 22.11 1.32
CA SER E 147 18.41 22.95 2.51
C SER E 147 18.62 24.41 2.11
N TYR E 148 18.55 25.31 3.09
CA TYR E 148 18.63 26.74 2.82
C TYR E 148 19.05 27.44 4.11
N ARG E 149 19.23 28.76 4.01
CA ARG E 149 19.58 29.55 5.18
C ARG E 149 18.47 30.48 5.64
N LYS E 150 17.49 30.75 4.78
CA LYS E 150 16.34 31.57 5.12
C LYS E 150 15.26 31.35 4.08
N VAL E 151 14.01 31.36 4.52
CA VAL E 151 12.86 31.15 3.66
C VAL E 151 11.89 32.30 3.87
N VAL E 152 11.28 32.75 2.78
CA VAL E 152 10.26 33.80 2.83
C VAL E 152 9.01 33.28 2.16
N TRP E 153 7.87 33.46 2.82
CA TRP E 153 6.56 33.09 2.28
C TRP E 153 5.78 34.37 2.05
N GLU E 154 5.13 34.46 0.90
CA GLU E 154 4.43 35.68 0.52
C GLU E 154 3.15 35.33 -0.20
N HIS E 155 2.01 35.71 0.38
CA HIS E 155 0.74 35.62 -0.34
C HIS E 155 0.62 36.89 -1.16
N THR E 156 0.98 36.77 -2.44
CA THR E 156 1.03 37.93 -3.32
C THR E 156 -0.33 38.60 -3.45
N ALA E 157 -1.38 37.79 -3.61
CA ALA E 157 -2.71 38.34 -3.89
C ALA E 157 -3.31 39.03 -2.67
N ALA E 158 -2.89 38.68 -1.46
CA ALA E 158 -3.56 39.19 -0.27
C ALA E 158 -2.71 40.04 0.67
N GLY E 159 -1.39 40.15 0.48
CA GLY E 159 -0.62 41.10 1.26
C GLY E 159 0.15 40.53 2.43
N THR E 160 -0.16 39.32 2.89
CA THR E 160 0.55 38.77 4.05
C THR E 160 1.88 38.12 3.68
N SER E 161 2.91 38.37 4.50
CA SER E 161 4.22 37.76 4.35
C SER E 161 4.65 37.09 5.65
N GLY E 162 5.65 36.22 5.53
CA GLY E 162 6.30 35.61 6.67
C GLY E 162 7.69 35.13 6.30
N SER E 163 8.49 34.86 7.32
CA SER E 163 9.87 34.44 7.09
C SER E 163 10.43 33.73 8.33
N ASP E 164 11.53 33.03 8.12
CA ASP E 164 12.31 32.39 9.18
C ASP E 164 13.68 32.02 8.62
N ASP E 165 14.64 31.90 9.53
CA ASP E 165 15.99 31.42 9.26
C ASP E 165 16.07 29.94 9.61
N TRP E 166 17.07 29.28 9.03
CA TRP E 166 17.24 27.85 9.24
C TRP E 166 18.04 27.67 10.52
N GLU F 3 8.16 7.62 -23.12
CA GLU F 3 8.52 6.61 -24.10
C GLU F 3 9.68 5.82 -23.45
N PRO F 4 10.05 4.65 -23.98
CA PRO F 4 11.21 3.93 -23.46
C PRO F 4 12.52 4.64 -23.78
N ALA F 5 13.51 4.32 -22.96
CA ALA F 5 14.88 4.77 -23.16
C ALA F 5 15.67 3.64 -23.77
N PHE F 6 16.82 3.96 -24.36
CA PHE F 6 17.62 2.95 -25.01
C PHE F 6 19.06 3.02 -24.50
N ILE F 7 19.61 1.84 -24.17
CA ILE F 7 20.85 1.70 -23.43
C ILE F 7 21.83 0.92 -24.31
N LYS F 8 22.99 1.52 -24.57
CA LYS F 8 24.09 0.78 -25.18
C LYS F 8 25.05 0.37 -24.08
N ILE F 9 25.38 -0.93 -24.03
CA ILE F 9 26.25 -1.46 -22.99
C ILE F 9 27.42 -2.17 -23.66
N GLU F 10 28.63 -1.75 -23.31
CA GLU F 10 29.85 -2.38 -23.80
C GLU F 10 30.58 -2.96 -22.60
N GLY F 11 30.90 -4.24 -22.66
CA GLY F 11 31.59 -4.90 -21.56
C GLY F 11 33.04 -5.21 -21.88
N SER F 12 33.88 -5.18 -20.85
CA SER F 12 35.31 -5.41 -21.07
C SER F 12 35.63 -6.87 -21.35
N THR F 13 34.68 -7.77 -21.17
CA THR F 13 34.94 -9.16 -21.50
C THR F 13 34.04 -9.67 -22.62
N GLN F 14 32.79 -9.27 -22.64
CA GLN F 14 31.83 -9.81 -23.59
C GLN F 14 31.53 -8.86 -24.73
N GLY F 15 32.25 -7.74 -24.82
CA GLY F 15 32.03 -6.87 -25.94
C GLY F 15 30.66 -6.21 -25.86
N LEU F 16 30.04 -6.05 -27.02
CA LEU F 16 28.78 -5.33 -27.12
C LEU F 16 27.66 -6.15 -26.52
N ILE F 17 27.43 -5.95 -25.22
CA ILE F 17 26.41 -6.69 -24.48
C ILE F 17 25.04 -6.43 -25.07
N SER F 18 24.82 -5.23 -25.59
CA SER F 18 23.57 -4.77 -26.15
C SER F 18 23.32 -5.28 -27.55
N SER F 19 24.22 -6.10 -28.10
CA SER F 19 24.09 -6.48 -29.50
C SER F 19 22.75 -7.17 -29.76
N GLY F 20 21.99 -6.62 -30.70
CA GLY F 20 20.73 -7.24 -31.04
C GLY F 20 19.66 -7.26 -29.95
N ALA F 21 19.76 -6.39 -28.94
CA ALA F 21 18.80 -6.46 -27.85
C ALA F 21 17.39 -6.12 -28.30
N SER F 22 17.25 -5.18 -29.23
CA SER F 22 15.95 -4.69 -29.67
C SER F 22 15.58 -5.13 -31.08
N THR F 23 15.80 -6.38 -31.41
CA THR F 23 15.45 -6.95 -32.70
C THR F 23 14.27 -7.90 -32.50
N GLU F 24 13.62 -8.29 -33.60
CA GLU F 24 12.36 -9.02 -33.42
C GLU F 24 12.69 -10.34 -32.71
N ALA F 25 13.79 -11.00 -33.16
CA ALA F 25 14.24 -12.25 -32.55
C ALA F 25 14.49 -12.13 -31.04
N SER F 26 14.78 -10.92 -30.52
CA SER F 26 15.12 -10.74 -29.12
C SER F 26 13.88 -10.46 -28.27
N ILE F 27 13.00 -9.59 -28.74
CA ILE F 27 11.88 -9.09 -27.95
C ILE F 27 10.53 -9.33 -28.59
N GLY F 28 10.47 -9.78 -29.84
CA GLY F 28 9.21 -10.20 -30.39
C GLY F 28 8.45 -9.04 -31.01
N ASN F 29 7.12 -9.01 -30.84
CA ASN F 29 6.33 -7.94 -31.44
C ASN F 29 6.66 -6.56 -30.86
N ARG F 30 7.42 -6.50 -29.78
CA ARG F 30 7.86 -5.22 -29.24
C ARG F 30 9.11 -4.70 -29.95
N TYR F 31 9.48 -5.29 -31.08
CA TYR F 31 10.69 -4.90 -31.80
C TYR F 31 10.64 -3.43 -32.20
N LYS F 32 11.75 -2.73 -32.01
CA LYS F 32 11.88 -1.32 -32.40
C LYS F 32 12.92 -1.26 -33.51
N SER F 33 12.48 -0.98 -34.73
CA SER F 33 13.36 -0.97 -35.90
C SER F 33 14.23 0.28 -36.01
N GLY F 34 14.81 0.75 -34.91
CA GLY F 34 15.75 1.85 -34.97
C GLY F 34 17.00 1.60 -34.14
N HIS F 35 16.80 0.97 -32.98
CA HIS F 35 17.81 0.73 -31.96
C HIS F 35 18.19 -0.73 -31.77
N GLU F 36 18.47 -1.43 -32.86
CA GLU F 36 18.66 -2.88 -32.78
C GLU F 36 19.71 -3.27 -31.73
N ASP F 37 20.80 -2.49 -31.60
CA ASP F 37 21.89 -2.81 -30.69
C ASP F 37 21.83 -2.04 -29.36
N GLU F 38 20.63 -1.74 -28.89
CA GLU F 38 20.43 -1.12 -27.59
C GLU F 38 19.32 -1.84 -26.83
N ILE F 39 19.49 -1.92 -25.53
CA ILE F 39 18.44 -2.45 -24.66
C ILE F 39 17.35 -1.38 -24.48
N ALA F 41 14.69 0.27 -22.28
CA ALA F 41 14.45 0.38 -20.84
C ALA F 41 13.07 0.96 -20.60
N GLN F 42 12.23 0.22 -19.87
CA GLN F 42 10.90 0.67 -19.51
C GLN F 42 10.87 1.53 -18.25
N GLU F 43 11.87 1.39 -17.38
CA GLU F 43 11.99 2.25 -16.22
C GLU F 43 13.45 2.57 -16.03
N VAL F 44 13.71 3.68 -15.33
CA VAL F 44 15.05 4.04 -14.92
C VAL F 44 14.92 4.73 -13.57
N SER F 45 15.86 4.48 -12.66
CA SER F 45 15.89 5.20 -11.40
C SER F 45 17.33 5.40 -10.96
N HIS F 46 17.58 6.53 -10.32
CA HIS F 46 18.94 6.87 -9.89
C HIS F 46 18.86 7.99 -8.86
N ILE F 47 19.71 7.90 -7.84
CA ILE F 47 19.75 8.86 -6.74
C ILE F 47 21.18 9.31 -6.54
N VAL F 48 21.38 10.61 -6.29
CA VAL F 48 22.65 11.12 -5.79
C VAL F 48 22.34 12.01 -4.59
N THR F 49 23.12 11.87 -3.53
CA THR F 49 22.72 12.42 -2.24
C THR F 49 23.92 12.94 -1.45
N VAL F 50 23.64 13.87 -0.54
CA VAL F 50 24.59 14.30 0.48
C VAL F 50 23.92 14.08 1.84
N PRO F 51 24.67 13.75 2.89
CA PRO F 51 24.07 13.67 4.24
C PRO F 51 23.63 15.04 4.76
N ARG F 63 29.12 14.07 -0.94
CA ARG F 63 28.24 13.42 -1.91
C ARG F 63 28.44 11.90 -1.94
N VAL F 64 27.33 11.19 -2.08
CA VAL F 64 27.29 9.74 -2.27
C VAL F 64 26.39 9.46 -3.47
N HIS F 65 26.94 8.77 -4.47
CA HIS F 65 26.14 8.25 -5.56
C HIS F 65 25.55 6.91 -5.15
N LYS F 66 24.35 6.65 -5.62
CA LYS F 66 23.66 5.41 -5.42
C LYS F 66 23.54 4.69 -6.77
N PRO F 67 23.27 3.39 -6.78
CA PRO F 67 23.31 2.64 -8.05
C PRO F 67 22.33 3.18 -9.08
N PHE F 68 22.76 3.15 -10.34
CA PHE F 68 21.88 3.46 -11.45
C PHE F 68 21.12 2.22 -11.84
N SER F 69 19.84 2.38 -12.15
CA SER F 69 18.99 1.24 -12.41
C SER F 69 18.19 1.43 -13.66
N PHE F 70 18.01 0.36 -14.42
CA PHE F 70 17.07 0.32 -15.53
C PHE F 70 16.32 -1.01 -15.49
N THR F 71 15.13 -1.00 -16.05
CA THR F 71 14.29 -2.18 -16.09
C THR F 71 13.95 -2.51 -17.52
N CYS F 72 14.14 -3.77 -17.88
CA CYS F 72 13.81 -4.24 -19.22
C CYS F 72 13.03 -5.55 -19.10
N SER F 73 12.77 -6.19 -20.22
CA SER F 73 12.12 -7.49 -20.26
C SER F 73 13.18 -8.54 -20.52
N LEU F 74 12.75 -9.78 -20.67
CA LEU F 74 13.72 -10.84 -20.97
C LEU F 74 14.16 -10.72 -22.43
N ASN F 75 15.26 -10.01 -22.67
CA ASN F 75 15.77 -9.86 -24.02
C ASN F 75 17.12 -10.57 -24.11
N LYS F 76 17.66 -10.62 -25.34
CA LYS F 76 18.81 -11.48 -25.58
C LYS F 76 20.07 -11.08 -24.81
N SER F 77 20.17 -9.87 -24.29
CA SER F 77 21.36 -9.53 -23.51
C SER F 77 21.26 -10.04 -22.08
N VAL F 78 20.06 -10.42 -21.62
CA VAL F 78 19.89 -10.84 -20.22
C VAL F 78 20.84 -11.96 -19.81
N PRO F 79 21.02 -13.05 -20.58
CA PRO F 79 22.00 -14.05 -20.12
C PRO F 79 23.41 -13.48 -20.01
N LEU F 80 23.78 -12.56 -20.91
CA LEU F 80 25.07 -11.89 -20.78
C LEU F 80 25.09 -10.97 -19.56
N LEU F 81 23.98 -10.29 -19.24
CA LEU F 81 23.99 -9.44 -18.06
C LEU F 81 24.20 -10.26 -16.81
N TYR F 82 23.61 -11.45 -16.74
CA TYR F 82 23.86 -12.35 -15.61
C TYR F 82 25.32 -12.78 -15.56
N ASN F 83 25.93 -13.05 -16.73
CA ASN F 83 27.35 -13.38 -16.76
C ASN F 83 28.17 -12.24 -16.18
N ALA F 84 27.86 -11.01 -16.59
CA ALA F 84 28.60 -9.87 -16.10
C ALA F 84 28.47 -9.75 -14.58
N LEU F 85 27.23 -9.81 -14.10
CA LEU F 85 26.97 -9.72 -12.67
C LEU F 85 27.76 -10.77 -11.90
N THR F 86 27.62 -12.04 -12.32
CA THR F 86 28.18 -13.13 -11.54
C THR F 86 29.69 -13.21 -11.67
N LYS F 87 30.23 -12.72 -12.77
CA LYS F 87 31.68 -12.75 -12.97
C LYS F 87 32.36 -11.44 -12.59
N GLY F 88 31.59 -10.41 -12.23
CA GLY F 88 32.19 -9.12 -11.93
C GLY F 88 32.76 -8.39 -13.14
N GLU F 89 32.18 -8.58 -14.33
CA GLU F 89 32.66 -7.89 -15.51
C GLU F 89 32.33 -6.41 -15.43
N ARG F 90 33.35 -5.56 -15.49
CA ARG F 90 33.12 -4.13 -15.52
C ARG F 90 32.84 -3.68 -16.95
N LEU F 91 31.91 -2.74 -17.07
CA LEU F 91 31.42 -2.26 -18.35
C LEU F 91 32.01 -0.88 -18.62
N PRO F 92 32.95 -0.75 -19.55
CA PRO F 92 33.58 0.56 -19.75
C PRO F 92 32.61 1.69 -20.05
N THR F 93 31.56 1.43 -20.82
CA THR F 93 30.55 2.45 -21.08
C THR F 93 29.16 1.80 -21.09
N VAL F 94 28.23 2.41 -20.37
CA VAL F 94 26.81 2.17 -20.57
C VAL F 94 26.18 3.53 -20.79
N GLU F 95 25.46 3.67 -21.90
CA GLU F 95 24.99 4.95 -22.40
C GLU F 95 23.48 4.92 -22.57
N VAL F 96 22.79 5.84 -21.90
CA VAL F 96 21.34 5.96 -21.99
C VAL F 96 20.97 7.12 -22.90
N HIS F 97 20.09 6.86 -23.86
CA HIS F 97 19.53 7.91 -24.69
C HIS F 97 18.05 8.07 -24.36
N TRP F 98 17.69 9.28 -23.93
CA TRP F 98 16.32 9.59 -23.57
C TRP F 98 15.62 10.25 -24.75
N PHE F 99 14.34 9.94 -24.91
CA PHE F 99 13.54 10.39 -26.03
C PHE F 99 12.25 11.04 -25.55
N ARG F 100 11.71 11.90 -26.41
CA ARG F 100 10.47 12.60 -26.18
C ARG F 100 9.79 12.70 -27.54
N THR F 101 8.47 12.87 -27.56
CA THR F 101 7.82 13.17 -28.84
C THR F 101 8.09 14.64 -29.19
N ALA F 102 8.47 14.89 -30.44
CA ALA F 102 8.92 16.19 -30.91
C ALA F 102 7.76 17.01 -31.49
N THR F 103 8.09 18.20 -31.97
CA THR F 103 7.10 19.09 -32.58
C THR F 103 6.32 18.38 -33.67
N SER F 104 7.01 17.82 -34.66
CA SER F 104 6.31 17.38 -35.86
C SER F 104 5.36 16.25 -35.56
N GLY F 105 5.88 15.02 -35.42
CA GLY F 105 5.10 13.95 -34.85
C GLY F 105 5.90 12.87 -34.18
N GLY F 106 7.21 12.85 -34.44
CA GLY F 106 8.07 11.75 -34.03
C GLY F 106 8.77 11.92 -32.69
N SER F 107 9.49 10.86 -32.31
CA SER F 107 10.35 10.85 -31.14
C SER F 107 11.70 11.49 -31.46
N GLU F 108 12.20 12.31 -30.54
CA GLU F 108 13.53 12.89 -30.68
C GLU F 108 14.39 12.58 -29.46
N HIS F 109 15.67 12.28 -29.71
CA HIS F 109 16.63 12.06 -28.65
C HIS F 109 17.04 13.41 -28.07
N PHE F 110 16.84 13.59 -26.77
CA PHE F 110 17.07 14.89 -26.15
C PHE F 110 17.96 14.84 -24.91
N PHE F 111 18.23 13.64 -24.37
CA PHE F 111 19.04 13.55 -23.17
C PHE F 111 19.88 12.29 -23.23
N THR F 112 21.10 12.38 -22.72
CA THR F 112 22.03 11.27 -22.55
C THR F 112 22.70 11.31 -21.20
N THR F 113 22.75 10.12 -20.61
CA THR F 113 23.45 9.81 -19.38
C THR F 113 24.41 8.68 -19.77
N LYS F 114 25.68 8.82 -19.48
CA LYS F 114 26.55 7.68 -19.68
C LYS F 114 27.29 7.37 -18.39
N LEU F 115 27.53 6.09 -18.17
CA LEU F 115 28.30 5.63 -17.03
C LEU F 115 29.63 5.07 -17.53
N GLU F 116 30.66 5.26 -16.72
CA GLU F 116 32.01 4.80 -17.03
C GLU F 116 32.44 3.78 -16.01
N ASP F 117 32.97 2.65 -16.49
CA ASP F 117 33.39 1.51 -15.69
C ASP F 117 32.27 1.10 -14.72
N ALA F 118 31.15 0.72 -15.31
CA ALA F 118 30.01 0.25 -14.54
C ALA F 118 30.22 -1.18 -14.08
N ILE F 119 29.52 -1.55 -13.01
CA ILE F 119 29.52 -2.92 -12.50
C ILE F 119 28.09 -3.28 -12.10
N ILE F 120 27.59 -4.40 -12.60
CA ILE F 120 26.24 -4.83 -12.24
C ILE F 120 26.28 -5.43 -10.84
N THR F 121 25.41 -4.92 -9.96
CA THR F 121 25.41 -5.33 -8.56
C THR F 121 24.15 -6.09 -8.13
N ASN F 122 23.09 -6.08 -8.95
CA ASN F 122 21.80 -6.66 -8.60
C ASN F 122 20.99 -6.87 -9.86
N ILE F 123 20.35 -8.04 -9.97
CA ILE F 123 19.38 -8.32 -11.02
C ILE F 123 18.13 -8.93 -10.40
N GLU F 124 17.00 -8.25 -10.52
CA GLU F 124 15.74 -8.68 -9.92
C GLU F 124 14.74 -8.97 -11.03
N LEU F 125 14.27 -10.21 -11.09
CA LEU F 125 13.33 -10.62 -12.13
C LEU F 125 11.95 -10.84 -11.54
N ILE F 126 10.93 -10.28 -12.18
CA ILE F 126 9.56 -10.39 -11.69
C ILE F 126 8.65 -10.64 -12.89
N PRO F 128 4.74 -10.56 -13.67
CA PRO F 128 3.49 -10.08 -13.06
C PRO F 128 2.23 -10.85 -13.46
N ASN F 129 1.08 -10.31 -13.05
CA ASN F 129 -0.22 -10.51 -13.71
C ASN F 129 -0.67 -11.99 -13.69
N ALA F 130 -0.99 -12.43 -12.48
CA ALA F 130 -1.51 -13.77 -12.27
C ALA F 130 -2.83 -13.96 -13.01
N ASP F 137 -1.40 -8.14 -19.48
CA ASP F 137 -1.28 -7.60 -20.84
C ASP F 137 0.04 -6.83 -21.01
N LYS F 138 0.94 -7.03 -20.05
CA LYS F 138 2.29 -6.45 -20.00
C LYS F 138 3.33 -7.59 -20.00
N THR F 139 4.59 -7.23 -19.77
CA THR F 139 5.68 -8.17 -19.93
C THR F 139 6.41 -8.38 -18.60
N GLU F 140 7.09 -9.52 -18.47
CA GLU F 140 8.00 -9.72 -17.34
C GLU F 140 9.00 -8.59 -17.26
N LEU F 141 9.43 -8.26 -16.03
CA LEU F 141 10.36 -7.17 -15.80
C LEU F 141 11.66 -7.64 -15.16
N LEU F 142 12.77 -7.06 -15.64
CA LEU F 142 14.12 -7.40 -15.14
C LEU F 142 14.87 -6.11 -14.77
N LYS F 143 15.05 -5.87 -13.47
CA LYS F 143 15.73 -4.70 -12.96
C LYS F 143 17.23 -4.92 -12.83
N VAL F 144 18.01 -4.11 -13.55
CA VAL F 144 19.47 -4.13 -13.51
C VAL F 144 19.97 -2.91 -12.74
N SER F 145 20.74 -3.12 -11.68
CA SER F 145 21.33 -2.07 -10.88
C SER F 145 22.85 -2.05 -11.00
N SER F 147 26.76 -0.01 -10.02
CA SER F 147 27.71 1.00 -9.64
C SER F 147 28.48 1.48 -10.87
N TYR F 148 29.26 2.54 -10.70
CA TYR F 148 30.05 3.11 -11.79
C TYR F 148 31.15 3.95 -11.17
N ARG F 149 32.05 4.45 -12.01
CA ARG F 149 33.15 5.29 -11.55
C ARG F 149 33.03 6.73 -11.97
N LYS F 150 32.19 7.01 -12.97
CA LYS F 150 32.00 8.37 -13.44
C LYS F 150 30.70 8.40 -14.21
N VAL F 151 29.95 9.49 -14.06
CA VAL F 151 28.71 9.68 -14.80
C VAL F 151 28.73 11.06 -15.42
N VAL F 152 28.24 11.17 -16.65
CA VAL F 152 28.10 12.48 -17.29
C VAL F 152 26.68 12.60 -17.78
N TRP F 153 26.09 13.79 -17.62
CA TRP F 153 24.76 14.13 -18.11
C TRP F 153 24.81 15.19 -19.22
N GLU F 154 23.94 15.09 -20.23
CA GLU F 154 24.01 16.14 -21.28
C GLU F 154 22.67 16.36 -22.00
N HIS F 155 21.88 17.36 -21.61
CA HIS F 155 20.69 17.71 -22.34
C HIS F 155 21.15 17.97 -23.78
N THR F 156 21.09 16.93 -24.62
CA THR F 156 21.60 17.05 -25.99
C THR F 156 20.86 18.12 -26.77
N ALA F 157 19.55 18.24 -26.56
CA ALA F 157 18.73 19.17 -27.32
C ALA F 157 19.03 20.63 -26.96
N ALA F 158 19.52 20.90 -25.75
CA ALA F 158 19.68 22.27 -25.28
C ALA F 158 21.11 22.71 -24.99
N GLY F 159 22.12 21.82 -25.04
CA GLY F 159 23.49 22.28 -24.91
C GLY F 159 24.11 22.12 -23.54
N THR F 160 23.30 22.00 -22.48
CA THR F 160 23.86 21.90 -21.13
C THR F 160 24.38 20.49 -20.83
N SER F 161 25.54 20.43 -20.19
CA SER F 161 26.12 19.19 -19.72
C SER F 161 26.60 19.31 -18.26
N GLY F 162 26.82 18.15 -17.64
CA GLY F 162 27.42 18.06 -16.32
C GLY F 162 28.04 16.70 -16.13
N SER F 163 28.88 16.56 -15.10
CA SER F 163 29.58 15.31 -14.85
C SER F 163 30.03 15.24 -13.41
N ASP F 164 30.39 14.03 -12.97
CA ASP F 164 30.95 13.83 -11.64
C ASP F 164 31.58 12.44 -11.57
N ASP F 165 32.56 12.32 -10.69
CA ASP F 165 33.19 11.07 -10.34
C ASP F 165 32.47 10.51 -9.13
N TRP F 166 32.57 9.20 -8.96
CA TRP F 166 31.92 8.49 -7.82
C TRP F 166 32.59 8.91 -6.51
#